data_6PSF
#
_entry.id   6PSF
#
_cell.length_a   1.00
_cell.length_b   1.00
_cell.length_c   1.00
_cell.angle_alpha   90.00
_cell.angle_beta   90.00
_cell.angle_gamma   90.00
#
_symmetry.space_group_name_H-M   'P 1'
#
loop_
_entity.id
_entity.type
_entity.pdbx_description
1 polymer 'Capsid protein VP1'
2 polymer 'Capsid protein VP3'
3 polymer 'Capsid protein VP2'
4 polymer 'Capsid protein VP4'
5 polymer 'Cadherin-related family member 3'
#
loop_
_entity_poly.entity_id
_entity_poly.type
_entity_poly.pdbx_seq_one_letter_code
_entity_poly.pdbx_strand_id
1 'polypeptide(L)'
;NNDDPVENFVESTLKEVLVVPDTKPSGPQHTTKPSILGAMEIGASSNATPESTIETRYVYNTNTNAEADVEMFLGRSALW
GKVTLTRQYAKWEINFQEQAHIRKKFEFFTYLRFDMEVTIVTNNKGLMQIMFVPPGIDHPETHDDRKWDSASNPSVFFQP
KSGFPRFTIPFTGLASAYYMFYDGYDKPKGSDNNEYGIAPTNDMGLLCFRTLDNSGGNDVKIYVKPKHITAWVPRPPRAT
QYTHKYSTNYHYKPNSSGPDEHVLKDRHFIKTRPLISSA
;
A
2 'polypeptide(L)'
;GLPTRLPSGSQQFMTTEDEQSPNILPGFHPSKKIHIPGMITNVMHMARVDSFIPINNIQGEVGKVSMYYITVTKKTVTER
ILVLPLEMSNTLFATTLLGEVLNYYANWSGSITITFMCVCDAFSTGKFLVAYTPPGGKLPEDRKQAMLGVHIIWDLGLQS
SCTIVVPWISSGFYRRTKADSFTHGGYVSLWYQTAFVPPVSGGTGSILATCSACPDMSVRMLRDSPMMEQKNELQ
;
B
3 'polypeptide(L)'
;SPSVEACGYSDRLKQITIGNSTITTQDSLHTVLAYGEWPTYLSDIDATSVDKPTHPETSADRFYTLDSVEWQVGSHGWWW
KLPDALKDMGVFGQNMYYHSMGRSGFIIHTQCNATKFHSGALIVAVIPEHQLAYVGGVKVNVGYDHTHPGQSGHQIRGPS
QSNDRSGGKPDEDPLFNCNGTLLGNITIFPHQIINLRTNNSSTIVVPYINCVPMDNMLKHNNLSLVIIPLVPLRPGSSGI
NSVPITVTIAPYKSEFSGAMEAQRQ
;
C
4 'polypeptide(L)' GAQVSRQNNGTHENGVTASNGSVIKYFNINYYKDSASSGLSRQDFSQDPSKFTQPLVDTLTNPALM D
5 'polypeptide(L)'
;MASDYKDDDDKLHLILLPATGNVAENSPPGTSVHKFSVKLSASLSPVIPGFPQIVNSNPLTEAFRVNWLSGTYFEVVTTG
MEQLDFETGPNIFDLQIYVKDEVGVTDLQVLTVQVTDVNEPPQFQGNLAEGLHLYIVERANPGFIYQVEAFDPEDTSRNI
PLSYFLISPPKSFRMSANGTLFSTTELDFEAGHRSFHLIVEVRDSGGLKASTELQVNIVNLNDEVPRFTGGTKHHHHHH
;
U
#
# COMPACT_ATOMS: atom_id res chain seq x y z
N VAL A 19 -7.31 -23.40 -13.29
CA VAL A 19 -8.35 -22.56 -13.86
C VAL A 19 -9.15 -21.93 -12.75
N VAL A 20 -10.03 -20.99 -13.10
CA VAL A 20 -10.90 -20.35 -12.13
C VAL A 20 -12.12 -21.23 -11.95
N PRO A 21 -12.82 -21.17 -10.82
CA PRO A 21 -13.95 -22.07 -10.61
C PRO A 21 -15.15 -21.67 -11.44
N ASP A 22 -15.99 -22.65 -11.74
CA ASP A 22 -17.23 -22.40 -12.46
C ASP A 22 -18.23 -21.68 -11.57
N THR A 23 -19.24 -21.12 -12.20
CA THR A 23 -20.30 -20.44 -11.48
C THR A 23 -21.42 -21.42 -11.15
N LYS A 24 -21.84 -21.42 -9.96
CA LYS A 24 -22.89 -22.36 -9.64
C LYS A 24 -24.25 -21.70 -9.78
N PRO A 25 -25.29 -22.47 -10.05
CA PRO A 25 -26.63 -21.89 -10.10
C PRO A 25 -27.09 -21.49 -8.70
N SER A 26 -28.05 -20.56 -8.65
CA SER A 26 -28.54 -20.06 -7.38
C SER A 26 -29.96 -19.56 -7.58
N GLY A 27 -30.91 -20.19 -6.91
CA GLY A 27 -32.29 -19.78 -6.98
C GLY A 27 -32.59 -18.69 -5.98
N PRO A 28 -33.86 -18.33 -5.84
CA PRO A 28 -34.23 -17.33 -4.84
C PRO A 28 -34.01 -17.89 -3.44
N GLN A 29 -33.24 -17.17 -2.65
CA GLN A 29 -32.94 -17.62 -1.31
C GLN A 29 -33.48 -16.63 -0.29
N HIS A 30 -34.10 -17.15 0.75
CA HIS A 30 -34.58 -16.40 1.89
C HIS A 30 -33.87 -16.97 3.10
N THR A 31 -32.66 -16.50 3.36
CA THR A 31 -31.83 -17.05 4.41
C THR A 31 -31.73 -16.08 5.57
N THR A 32 -31.52 -16.65 6.76
CA THR A 32 -31.31 -15.86 7.96
C THR A 32 -29.83 -15.70 8.31
N LYS A 33 -28.93 -16.31 7.53
CA LYS A 33 -27.52 -16.07 7.69
C LYS A 33 -27.01 -15.29 6.49
N PRO A 34 -26.98 -13.96 6.54
CA PRO A 34 -26.59 -13.15 5.39
C PRO A 34 -25.13 -13.39 5.02
N SER A 35 -24.90 -13.86 3.80
CA SER A 35 -23.56 -13.98 3.25
C SER A 35 -23.06 -12.68 2.65
N ILE A 36 -23.76 -11.58 2.92
CA ILE A 36 -23.39 -10.25 2.44
C ILE A 36 -22.86 -9.39 3.58
N LEU A 37 -23.57 -9.34 4.70
CA LEU A 37 -23.15 -8.56 5.84
C LEU A 37 -21.91 -9.18 6.45
N GLY A 38 -20.76 -8.60 6.17
CA GLY A 38 -19.52 -9.07 6.75
C GLY A 38 -19.02 -8.09 7.79
N ALA A 39 -17.70 -7.96 7.88
CA ALA A 39 -17.09 -6.98 8.76
C ALA A 39 -15.75 -6.57 8.15
N MET A 40 -15.61 -5.28 7.89
CA MET A 40 -14.32 -4.79 7.41
C MET A 40 -13.32 -4.66 8.54
N GLU A 41 -13.78 -4.51 9.77
CA GLU A 41 -12.89 -4.33 10.90
C GLU A 41 -12.07 -5.56 11.21
N ILE A 42 -12.59 -6.76 10.95
CA ILE A 42 -11.88 -7.99 11.32
C ILE A 42 -10.64 -8.22 10.47
N GLY A 43 -10.38 -7.38 9.48
CA GLY A 43 -9.19 -7.53 8.68
C GLY A 43 -9.20 -8.70 7.73
N ALA A 44 -10.36 -9.23 7.39
CA ALA A 44 -10.49 -10.32 6.44
C ALA A 44 -11.41 -9.89 5.31
N SER A 45 -11.05 -10.28 4.09
CA SER A 45 -11.86 -9.96 2.93
C SER A 45 -13.07 -10.87 2.86
N SER A 46 -14.09 -10.41 2.15
CA SER A 46 -15.35 -11.14 2.06
C SER A 46 -15.27 -12.22 1.00
N ASN A 47 -15.92 -13.34 1.27
CA ASN A 47 -15.98 -14.46 0.35
C ASN A 47 -17.17 -14.37 -0.59
N ALA A 48 -17.83 -13.24 -0.66
CA ALA A 48 -19.10 -13.13 -1.36
C ALA A 48 -18.88 -13.29 -2.86
N THR A 49 -19.29 -14.41 -3.39
CA THR A 49 -19.34 -14.64 -4.82
C THR A 49 -20.72 -14.28 -5.34
N PRO A 50 -20.86 -13.98 -6.63
CA PRO A 50 -22.15 -13.50 -7.13
C PRO A 50 -23.30 -14.46 -6.90
N GLU A 51 -23.04 -15.72 -6.52
CA GLU A 51 -24.12 -16.61 -6.16
C GLU A 51 -24.81 -16.19 -4.87
N SER A 52 -24.19 -15.29 -4.11
CA SER A 52 -24.77 -14.87 -2.83
C SER A 52 -25.70 -13.68 -3.00
N THR A 53 -25.50 -12.90 -4.05
CA THR A 53 -26.27 -11.67 -4.21
C THR A 53 -27.42 -11.82 -5.20
N ILE A 54 -27.19 -12.53 -6.31
CA ILE A 54 -28.17 -12.58 -7.39
C ILE A 54 -28.47 -14.01 -7.79
N GLU A 55 -29.26 -14.18 -8.85
CA GLU A 55 -29.60 -15.49 -9.40
C GLU A 55 -28.62 -15.79 -10.52
N THR A 56 -27.76 -16.77 -10.31
CA THR A 56 -26.75 -17.10 -11.29
C THR A 56 -27.19 -18.32 -12.10
N ARG A 57 -26.49 -18.53 -13.20
CA ARG A 57 -26.64 -19.73 -14.01
C ARG A 57 -25.31 -20.46 -13.98
N TYR A 58 -25.35 -21.76 -14.21
CA TYR A 58 -24.11 -22.50 -14.29
C TYR A 58 -23.35 -22.05 -15.53
N VAL A 59 -22.11 -21.64 -15.36
CA VAL A 59 -21.30 -21.12 -16.45
C VAL A 59 -19.97 -21.84 -16.43
N TYR A 60 -19.75 -22.71 -17.41
CA TYR A 60 -18.47 -23.40 -17.49
C TYR A 60 -17.38 -22.38 -17.79
N ASN A 61 -16.64 -22.01 -16.77
CA ASN A 61 -15.69 -20.92 -16.82
C ASN A 61 -14.30 -21.54 -16.78
N THR A 62 -13.49 -21.26 -17.81
CA THR A 62 -12.22 -21.94 -17.97
C THR A 62 -11.04 -20.97 -18.09
N ASN A 63 -11.21 -19.72 -17.71
CA ASN A 63 -10.08 -18.80 -17.73
C ASN A 63 -9.04 -19.22 -16.70
N THR A 64 -7.79 -18.94 -16.99
CA THR A 64 -6.71 -19.18 -16.05
C THR A 64 -6.01 -17.87 -15.74
N ASN A 65 -5.51 -17.76 -14.51
CA ASN A 65 -4.65 -16.66 -14.12
C ASN A 65 -3.19 -17.02 -14.32
N ALA A 66 -2.91 -17.88 -15.29
CA ALA A 66 -1.55 -18.35 -15.52
C ALA A 66 -0.61 -17.22 -15.88
N GLU A 67 -1.12 -16.11 -16.37
CA GLU A 67 -0.26 -14.98 -16.72
C GLU A 67 -0.03 -14.07 -15.53
N ALA A 68 -0.52 -14.45 -14.35
CA ALA A 68 -0.41 -13.61 -13.17
C ALA A 68 0.51 -14.18 -12.12
N ASP A 69 0.87 -15.45 -12.18
CA ASP A 69 1.73 -16.00 -11.15
C ASP A 69 3.10 -15.36 -11.24
N VAL A 70 3.79 -15.31 -10.09
CA VAL A 70 5.00 -14.54 -9.95
C VAL A 70 6.02 -14.87 -11.03
N GLU A 71 6.13 -16.14 -11.38
CA GLU A 71 7.08 -16.54 -12.41
C GLU A 71 6.82 -15.84 -13.73
N MET A 72 5.60 -15.95 -14.26
CA MET A 72 5.26 -15.32 -15.52
C MET A 72 4.97 -13.83 -15.37
N PHE A 73 4.84 -13.33 -14.14
CA PHE A 73 4.61 -11.90 -13.96
C PHE A 73 5.93 -11.15 -14.03
N LEU A 74 6.95 -11.64 -13.34
CA LEU A 74 8.25 -10.98 -13.33
C LEU A 74 9.21 -11.54 -14.34
N GLY A 75 9.05 -12.78 -14.75
CA GLY A 75 9.99 -13.40 -15.65
C GLY A 75 9.82 -12.94 -17.08
N ARG A 76 10.25 -11.71 -17.36
CA ARG A 76 10.07 -11.18 -18.72
C ARG A 76 11.27 -10.43 -19.25
N SER A 77 12.42 -10.44 -18.57
CA SER A 77 13.65 -9.89 -19.10
C SER A 77 13.51 -8.41 -19.45
N ALA A 78 13.31 -7.60 -18.42
CA ALA A 78 13.21 -6.17 -18.60
C ALA A 78 14.59 -5.54 -18.63
N LEU A 79 14.63 -4.25 -18.93
CA LEU A 79 15.88 -3.51 -18.94
C LEU A 79 16.23 -3.09 -17.52
N TRP A 80 17.46 -3.34 -17.11
CA TRP A 80 17.89 -2.95 -15.77
C TRP A 80 18.82 -1.76 -15.74
N GLY A 81 19.67 -1.59 -16.73
CA GLY A 81 20.57 -0.45 -16.74
C GLY A 81 21.18 -0.21 -18.10
N LYS A 82 21.49 1.05 -18.38
CA LYS A 82 22.20 1.45 -19.58
C LYS A 82 23.55 2.00 -19.20
N VAL A 83 24.53 1.80 -20.09
CA VAL A 83 25.85 2.39 -19.94
C VAL A 83 26.30 2.90 -21.30
N THR A 84 27.41 3.61 -21.30
CA THR A 84 27.95 4.22 -22.51
C THR A 84 29.46 4.06 -22.53
N LEU A 85 29.96 3.32 -23.50
CA LEU A 85 31.40 3.08 -23.59
C LEU A 85 32.12 4.39 -23.92
N THR A 86 32.79 4.97 -22.92
CA THR A 86 33.42 6.27 -23.11
C THR A 86 34.71 6.16 -23.90
N ARG A 87 35.71 5.48 -23.33
CA ARG A 87 36.92 5.15 -24.07
C ARG A 87 36.99 3.64 -24.07
N GLN A 88 36.23 3.02 -24.97
CA GLN A 88 36.11 1.58 -25.04
C GLN A 88 36.01 0.96 -23.65
N TYR A 89 35.27 1.61 -22.76
CA TYR A 89 35.16 1.13 -21.39
C TYR A 89 33.95 1.73 -20.72
N ALA A 90 33.20 0.89 -20.02
CA ALA A 90 32.08 1.32 -19.21
C ALA A 90 31.85 0.31 -18.12
N LYS A 91 31.25 0.77 -17.02
CA LYS A 91 31.09 -0.05 -15.84
C LYS A 91 29.66 0.08 -15.34
N TRP A 92 29.12 -1.01 -14.81
CA TRP A 92 27.75 -1.01 -14.30
C TRP A 92 27.68 -1.95 -13.11
N GLU A 93 27.23 -1.43 -11.98
CA GLU A 93 27.02 -2.26 -10.80
C GLU A 93 25.60 -2.80 -10.79
N ILE A 94 25.47 -4.11 -10.67
CA ILE A 94 24.19 -4.78 -10.89
C ILE A 94 23.19 -4.33 -9.84
N ASN A 95 22.07 -3.77 -10.28
CA ASN A 95 21.00 -3.34 -9.40
C ASN A 95 19.77 -3.06 -10.24
N PHE A 96 18.59 -3.30 -9.66
CA PHE A 96 17.33 -2.98 -10.31
C PHE A 96 16.82 -1.61 -9.93
N GLN A 97 17.65 -0.76 -9.37
CA GLN A 97 17.18 0.46 -8.75
C GLN A 97 17.11 1.65 -9.68
N GLU A 98 17.54 1.52 -10.92
CA GLU A 98 17.63 2.69 -11.78
C GLU A 98 16.41 2.84 -12.68
N GLN A 99 15.78 1.74 -13.07
CA GLN A 99 14.63 1.76 -13.95
C GLN A 99 13.36 1.61 -13.12
N ALA A 100 12.56 2.67 -13.06
CA ALA A 100 11.43 2.69 -12.15
C ALA A 100 10.38 1.64 -12.48
N HIS A 101 10.18 1.34 -13.76
CA HIS A 101 9.13 0.42 -14.13
C HIS A 101 9.35 -0.98 -13.58
N ILE A 102 10.58 -1.46 -13.58
CA ILE A 102 10.85 -2.77 -13.01
C ILE A 102 11.11 -2.70 -11.52
N ARG A 103 11.63 -1.57 -11.03
CA ARG A 103 11.79 -1.42 -9.60
C ARG A 103 10.44 -1.46 -8.89
N LYS A 104 9.39 -0.96 -9.55
CA LYS A 104 8.06 -1.04 -8.96
C LYS A 104 7.55 -2.46 -8.91
N LYS A 105 7.68 -3.20 -10.00
CA LYS A 105 7.25 -4.59 -10.01
C LYS A 105 8.00 -5.41 -8.97
N PHE A 106 9.24 -5.05 -8.67
CA PHE A 106 9.92 -5.74 -7.60
C PHE A 106 9.45 -5.28 -6.23
N GLU A 107 9.36 -3.97 -6.01
CA GLU A 107 8.88 -3.43 -4.75
C GLU A 107 7.44 -3.82 -4.46
N PHE A 108 6.79 -4.55 -5.36
CA PHE A 108 5.57 -5.25 -4.96
C PHE A 108 5.81 -6.13 -3.75
N PHE A 109 6.90 -6.88 -3.74
CA PHE A 109 7.17 -7.88 -2.71
C PHE A 109 8.33 -7.42 -1.83
N THR A 110 8.37 -7.96 -0.61
CA THR A 110 9.41 -7.62 0.35
C THR A 110 10.68 -8.42 0.14
N TYR A 111 10.58 -9.74 0.14
CA TYR A 111 11.73 -10.61 -0.07
C TYR A 111 11.54 -11.36 -1.37
N LEU A 112 12.60 -11.43 -2.17
CA LEU A 112 12.57 -12.10 -3.46
C LEU A 112 13.81 -12.96 -3.58
N ARG A 113 13.65 -14.17 -4.09
CA ARG A 113 14.76 -15.08 -4.32
C ARG A 113 14.71 -15.54 -5.76
N PHE A 114 15.73 -15.21 -6.54
CA PHE A 114 15.70 -15.54 -7.95
C PHE A 114 17.10 -15.60 -8.53
N ASP A 115 17.35 -16.61 -9.38
CA ASP A 115 18.43 -16.53 -10.32
C ASP A 115 18.08 -15.49 -11.38
N MET A 116 19.10 -14.92 -12.01
CA MET A 116 18.84 -13.91 -13.02
C MET A 116 19.66 -14.20 -14.26
N GLU A 117 19.08 -13.89 -15.41
CA GLU A 117 19.66 -14.19 -16.71
C GLU A 117 19.91 -12.91 -17.48
N VAL A 118 21.18 -12.55 -17.62
CA VAL A 118 21.59 -11.25 -18.12
C VAL A 118 21.83 -11.37 -19.61
N THR A 119 21.22 -10.47 -20.38
CA THR A 119 21.44 -10.38 -21.81
C THR A 119 21.91 -8.98 -22.13
N ILE A 120 22.92 -8.87 -22.99
CA ILE A 120 23.54 -7.60 -23.32
C ILE A 120 23.16 -7.23 -24.74
N VAL A 121 22.40 -6.16 -24.88
CA VAL A 121 22.00 -5.65 -26.19
C VAL A 121 22.88 -4.45 -26.46
N THR A 122 23.93 -4.64 -27.24
CA THR A 122 24.86 -3.57 -27.55
C THR A 122 24.82 -3.28 -29.05
N ASN A 123 24.79 -2.00 -29.39
CA ASN A 123 24.86 -1.58 -30.78
C ASN A 123 26.29 -1.44 -31.25
N ASN A 124 27.25 -1.79 -30.41
CA ASN A 124 28.65 -1.77 -30.80
C ASN A 124 28.89 -2.78 -31.91
N LYS A 125 29.97 -2.59 -32.63
CA LYS A 125 30.47 -3.54 -33.60
C LYS A 125 31.92 -3.81 -33.27
N GLY A 126 32.35 -5.05 -33.43
CA GLY A 126 33.73 -5.35 -33.11
C GLY A 126 33.85 -6.53 -32.19
N LEU A 127 34.64 -6.39 -31.14
CA LEU A 127 34.87 -7.47 -30.18
C LEU A 127 34.83 -6.88 -28.79
N MET A 128 33.82 -7.26 -28.01
CA MET A 128 33.65 -6.72 -26.68
C MET A 128 34.00 -7.78 -25.65
N GLN A 129 34.19 -7.33 -24.42
CA GLN A 129 34.47 -8.21 -23.29
C GLN A 129 33.68 -7.74 -22.10
N ILE A 130 33.06 -8.67 -21.39
CA ILE A 130 32.36 -8.39 -20.15
C ILE A 130 33.02 -9.17 -19.05
N MET A 131 33.44 -8.49 -18.00
CA MET A 131 34.04 -9.16 -16.85
C MET A 131 33.10 -9.01 -15.67
N PHE A 132 32.53 -10.12 -15.21
CA PHE A 132 31.68 -10.09 -14.04
C PHE A 132 32.57 -10.11 -12.81
N VAL A 133 32.76 -8.95 -12.19
CA VAL A 133 33.63 -8.82 -11.03
C VAL A 133 32.87 -9.21 -9.76
N PRO A 134 33.20 -10.34 -9.14
CA PRO A 134 32.56 -10.69 -7.89
C PRO A 134 32.86 -9.65 -6.83
N PRO A 135 32.11 -9.62 -5.74
CA PRO A 135 32.28 -8.56 -4.75
C PRO A 135 33.62 -8.62 -4.06
N GLY A 136 34.15 -7.44 -3.73
CA GLY A 136 35.29 -7.33 -2.84
C GLY A 136 36.63 -7.12 -3.50
N ILE A 137 36.72 -7.15 -4.81
CA ILE A 137 37.98 -6.97 -5.52
C ILE A 137 37.90 -5.69 -6.33
N ASP A 138 39.05 -5.29 -6.86
CA ASP A 138 39.11 -4.11 -7.69
C ASP A 138 38.83 -4.45 -9.14
N HIS A 139 37.94 -3.71 -9.75
CA HIS A 139 37.63 -3.85 -11.15
C HIS A 139 38.65 -3.10 -11.99
N PRO A 140 38.71 -3.36 -13.29
CA PRO A 140 39.55 -2.55 -14.18
C PRO A 140 39.02 -1.12 -14.29
N GLU A 141 39.84 -0.15 -13.91
CA GLU A 141 39.42 1.24 -13.93
C GLU A 141 39.40 1.84 -15.33
N THR A 142 39.85 1.12 -16.34
CA THR A 142 39.82 1.61 -17.72
C THR A 142 40.07 0.43 -18.65
N HIS A 143 39.91 0.68 -19.94
CA HIS A 143 40.33 -0.35 -20.89
C HIS A 143 41.84 -0.46 -20.84
N ASP A 144 42.36 -1.49 -21.51
CA ASP A 144 43.79 -1.78 -21.53
C ASP A 144 44.36 -1.60 -20.12
N ASP A 145 43.59 -1.92 -19.10
CA ASP A 145 44.12 -2.03 -17.75
C ASP A 145 44.74 -3.40 -17.56
N ARG A 146 45.66 -3.50 -16.61
CA ARG A 146 46.25 -4.79 -16.32
C ARG A 146 45.26 -5.73 -15.66
N LYS A 147 44.30 -5.18 -14.93
CA LYS A 147 43.32 -5.98 -14.21
C LYS A 147 42.39 -6.75 -15.13
N TRP A 148 42.43 -6.50 -16.43
CA TRP A 148 41.58 -7.26 -17.34
C TRP A 148 42.09 -8.67 -17.53
N ASP A 149 43.40 -8.87 -17.51
CA ASP A 149 43.99 -10.20 -17.62
C ASP A 149 43.68 -10.64 -16.21
N SER A 150 42.59 -11.41 -16.06
CA SER A 150 42.23 -12.02 -14.80
C SER A 150 42.35 -13.53 -14.93
N ALA A 151 42.59 -14.19 -13.82
CA ALA A 151 42.67 -15.64 -13.85
C ALA A 151 41.37 -16.30 -13.43
N SER A 152 40.57 -15.65 -12.59
CA SER A 152 39.40 -16.29 -12.02
C SER A 152 38.11 -15.50 -12.20
N ASN A 153 38.17 -14.20 -12.39
CA ASN A 153 36.96 -13.44 -12.61
C ASN A 153 36.30 -13.90 -13.89
N PRO A 154 35.09 -14.43 -13.84
CA PRO A 154 34.47 -14.94 -15.07
C PRO A 154 34.19 -13.83 -16.05
N SER A 155 34.58 -14.06 -17.30
CA SER A 155 34.50 -13.05 -18.34
C SER A 155 33.78 -13.65 -19.54
N VAL A 156 33.19 -12.77 -20.34
CA VAL A 156 32.41 -13.16 -21.52
C VAL A 156 32.93 -12.37 -22.69
N PHE A 157 33.42 -13.07 -23.72
CA PHE A 157 33.80 -12.43 -24.96
C PHE A 157 32.73 -12.70 -26.01
N PHE A 158 32.50 -11.73 -26.87
CA PHE A 158 31.54 -11.92 -27.95
C PHE A 158 31.77 -10.88 -29.02
N GLN A 159 31.27 -11.17 -30.21
CA GLN A 159 31.23 -10.21 -31.29
C GLN A 159 29.79 -9.76 -31.44
N PRO A 160 29.48 -8.47 -31.26
CA PRO A 160 28.07 -8.07 -31.19
C PRO A 160 27.28 -8.45 -32.43
N LYS A 161 27.82 -8.21 -33.62
CA LYS A 161 27.19 -8.78 -34.80
C LYS A 161 27.28 -10.29 -34.71
N SER A 162 26.20 -10.97 -35.07
CA SER A 162 26.07 -12.41 -34.88
C SER A 162 26.17 -12.78 -33.40
N GLY A 163 25.18 -12.33 -32.64
CA GLY A 163 25.01 -12.81 -31.28
C GLY A 163 24.68 -11.75 -30.25
N PHE A 164 23.90 -12.15 -29.25
CA PHE A 164 23.61 -11.45 -28.01
C PHE A 164 24.11 -12.27 -26.84
N PRO A 165 25.10 -11.80 -26.11
CA PRO A 165 25.67 -12.60 -25.04
C PRO A 165 24.71 -12.71 -23.87
N ARG A 166 24.63 -13.91 -23.31
CA ARG A 166 23.69 -14.17 -22.23
C ARG A 166 24.30 -15.18 -21.28
N PHE A 167 24.12 -14.95 -19.99
CA PHE A 167 24.68 -15.83 -18.98
C PHE A 167 23.86 -15.69 -17.71
N THR A 168 23.71 -16.79 -16.99
CA THR A 168 22.88 -16.83 -15.79
C THR A 168 23.75 -16.62 -14.57
N ILE A 169 23.32 -15.72 -13.69
CA ILE A 169 23.92 -15.56 -12.37
C ILE A 169 23.01 -16.26 -11.37
N PRO A 170 23.47 -17.31 -10.70
CA PRO A 170 22.59 -17.94 -9.70
C PRO A 170 22.36 -17.01 -8.53
N PHE A 171 21.59 -17.46 -7.55
CA PHE A 171 21.21 -16.59 -6.44
C PHE A 171 22.42 -16.41 -5.52
N THR A 172 22.97 -15.21 -5.52
CA THR A 172 24.12 -14.87 -4.67
C THR A 172 23.62 -14.01 -3.54
N GLY A 173 23.19 -14.63 -2.44
CA GLY A 173 22.34 -13.90 -1.52
C GLY A 173 22.90 -13.50 -0.17
N LEU A 174 23.75 -14.32 0.43
CA LEU A 174 24.16 -14.21 1.83
C LEU A 174 22.95 -14.21 2.74
N ALA A 175 21.82 -14.68 2.26
CA ALA A 175 20.63 -14.89 3.07
C ALA A 175 19.68 -15.75 2.25
N SER A 176 18.52 -16.03 2.80
CA SER A 176 17.61 -16.90 2.07
C SER A 176 16.87 -16.19 0.97
N ALA A 177 17.05 -14.88 0.81
CA ALA A 177 16.32 -14.11 -0.19
C ALA A 177 17.01 -12.77 -0.37
N TYR A 178 16.50 -11.99 -1.31
CA TYR A 178 16.97 -10.63 -1.48
C TYR A 178 16.10 -9.69 -0.68
N TYR A 179 16.72 -8.67 -0.12
CA TYR A 179 15.99 -7.63 0.57
C TYR A 179 15.55 -6.58 -0.44
N MET A 180 14.25 -6.51 -0.70
CA MET A 180 13.75 -5.37 -1.45
C MET A 180 13.62 -4.15 -0.56
N PHE A 181 13.23 -4.35 0.69
CA PHE A 181 13.16 -3.29 1.69
C PHE A 181 13.84 -3.79 2.94
N TYR A 182 14.65 -2.94 3.55
CA TYR A 182 15.39 -3.29 4.76
C TYR A 182 15.24 -2.14 5.72
N ASP A 183 14.62 -2.39 6.87
CA ASP A 183 14.35 -1.34 7.84
C ASP A 183 15.48 -1.15 8.83
N GLY A 184 16.70 -1.48 8.45
CA GLY A 184 17.76 -1.43 9.42
C GLY A 184 19.02 -0.79 8.89
N TYR A 185 20.03 -0.72 9.74
CA TYR A 185 21.31 -0.14 9.40
C TYR A 185 22.35 -1.25 9.43
N ASP A 186 23.58 -0.91 9.07
CA ASP A 186 24.63 -1.90 9.08
C ASP A 186 25.65 -1.69 10.19
N LYS A 187 25.70 -0.51 10.79
CA LYS A 187 26.63 -0.24 11.86
C LYS A 187 25.87 0.05 13.15
N PRO A 188 26.50 -0.11 14.29
CA PRO A 188 25.79 0.11 15.56
C PRO A 188 25.37 1.57 15.76
N LYS A 189 24.82 1.86 16.93
CA LYS A 189 24.14 3.13 17.13
C LYS A 189 25.06 4.32 16.96
N GLY A 190 26.11 4.41 17.77
CA GLY A 190 26.95 5.59 17.78
C GLY A 190 27.70 5.86 16.50
N SER A 191 27.59 4.97 15.52
CA SER A 191 28.37 5.14 14.31
C SER A 191 27.91 6.36 13.54
N ASP A 192 28.73 6.76 12.58
CA ASP A 192 28.63 8.05 11.93
C ASP A 192 28.22 7.97 10.47
N ASN A 193 28.65 6.94 9.74
CA ASN A 193 28.28 6.76 8.35
C ASN A 193 27.26 5.65 8.16
N ASN A 194 26.32 5.51 9.08
CA ASN A 194 25.30 4.48 8.96
C ASN A 194 24.57 4.62 7.63
N GLU A 195 24.20 3.48 7.06
CA GLU A 195 23.59 3.44 5.74
C GLU A 195 22.23 2.76 5.86
N TYR A 196 21.17 3.56 5.81
CA TYR A 196 19.83 3.04 5.87
C TYR A 196 19.49 2.32 4.57
N GLY A 197 18.59 1.36 4.66
CA GLY A 197 18.07 0.72 3.48
C GLY A 197 18.78 -0.57 3.15
N ILE A 198 18.58 -1.01 1.91
CA ILE A 198 19.09 -2.31 1.45
C ILE A 198 20.47 -2.19 0.85
N ALA A 199 21.04 -0.99 0.81
CA ALA A 199 22.31 -0.81 0.14
C ALA A 199 23.42 -1.72 0.65
N PRO A 200 23.63 -1.88 1.96
CA PRO A 200 24.71 -2.77 2.40
C PRO A 200 24.32 -4.23 2.40
N THR A 201 23.02 -4.53 2.41
CA THR A 201 22.58 -5.91 2.60
C THR A 201 23.09 -6.82 1.50
N ASN A 202 23.35 -6.30 0.31
CA ASN A 202 23.76 -7.16 -0.78
C ASN A 202 24.36 -6.34 -1.90
N ASP A 203 25.39 -6.88 -2.54
CA ASP A 203 25.89 -6.39 -3.81
C ASP A 203 26.10 -7.59 -4.72
N MET A 204 25.63 -7.50 -5.96
CA MET A 204 25.73 -8.60 -6.90
C MET A 204 26.97 -8.51 -7.77
N GLY A 205 27.98 -7.77 -7.34
CA GLY A 205 29.15 -7.56 -8.16
C GLY A 205 28.92 -6.44 -9.15
N LEU A 206 29.65 -6.48 -10.26
CA LEU A 206 29.45 -5.52 -11.32
C LEU A 206 30.02 -6.06 -12.62
N LEU A 207 29.58 -5.47 -13.71
CA LEU A 207 29.99 -5.88 -15.06
C LEU A 207 30.82 -4.75 -15.65
N CYS A 208 32.02 -5.08 -16.12
CA CYS A 208 32.90 -4.11 -16.76
C CYS A 208 32.96 -4.43 -18.24
N PHE A 209 32.51 -3.50 -19.07
CA PHE A 209 32.50 -3.70 -20.51
C PHE A 209 33.67 -2.94 -21.13
N ARG A 210 34.27 -3.55 -22.14
CA ARG A 210 35.27 -2.87 -22.94
C ARG A 210 35.19 -3.38 -24.36
N THR A 211 35.68 -2.57 -25.29
CA THR A 211 35.77 -2.95 -26.69
C THR A 211 37.24 -3.07 -27.08
N LEU A 212 37.58 -4.16 -27.75
CA LEU A 212 38.93 -4.37 -28.22
C LEU A 212 39.17 -3.77 -29.60
N ASP A 213 38.14 -3.64 -30.41
CA ASP A 213 38.18 -2.98 -31.69
C ASP A 213 37.80 -1.51 -31.51
N ASN A 214 37.52 -0.84 -32.62
CA ASN A 214 37.03 0.53 -32.55
C ASN A 214 35.73 0.82 -33.28
N SER A 215 35.00 -0.22 -33.70
CA SER A 215 34.07 -0.12 -34.80
C SER A 215 32.80 0.65 -34.42
N GLY A 216 32.03 0.13 -33.48
CA GLY A 216 30.63 0.48 -33.36
C GLY A 216 30.33 1.65 -32.45
N GLY A 217 29.08 1.71 -32.01
CA GLY A 217 28.62 2.74 -31.10
C GLY A 217 29.06 2.44 -29.67
N ASN A 218 28.39 3.09 -28.75
CA ASN A 218 28.76 3.00 -27.35
C ASN A 218 27.59 2.63 -26.44
N ASP A 219 26.41 2.39 -27.00
CA ASP A 219 25.22 2.17 -26.19
C ASP A 219 25.11 0.70 -25.84
N VAL A 220 25.06 0.41 -24.55
CA VAL A 220 24.96 -0.96 -24.05
C VAL A 220 23.75 -1.02 -23.13
N LYS A 221 22.86 -1.97 -23.38
CA LYS A 221 21.68 -2.18 -22.57
C LYS A 221 21.76 -3.55 -21.92
N ILE A 222 21.43 -3.63 -20.65
CA ILE A 222 21.55 -4.85 -19.87
C ILE A 222 20.15 -5.32 -19.52
N TYR A 223 19.68 -6.36 -20.17
CA TYR A 223 18.37 -6.92 -19.92
C TYR A 223 18.54 -8.11 -19.01
N VAL A 224 17.83 -8.12 -17.88
CA VAL A 224 17.99 -9.12 -16.85
C VAL A 224 16.63 -9.76 -16.58
N LYS A 225 16.61 -11.10 -16.58
CA LYS A 225 15.36 -11.84 -16.46
C LYS A 225 15.36 -12.63 -15.16
N PRO A 226 14.57 -12.26 -14.17
CA PRO A 226 14.50 -13.05 -12.94
C PRO A 226 13.79 -14.37 -13.22
N LYS A 227 14.44 -15.47 -12.88
CA LYS A 227 13.83 -16.78 -13.07
C LYS A 227 13.99 -17.62 -11.81
N HIS A 228 13.17 -18.64 -11.70
CA HIS A 228 13.04 -19.44 -10.48
C HIS A 228 12.68 -18.56 -9.30
N ILE A 229 11.80 -17.63 -9.53
CA ILE A 229 11.45 -16.61 -8.56
C ILE A 229 10.70 -17.26 -7.41
N THR A 230 10.81 -16.66 -6.24
CA THR A 230 9.98 -17.03 -5.09
C THR A 230 9.77 -15.80 -4.24
N ALA A 231 8.68 -15.08 -4.49
CA ALA A 231 8.37 -13.87 -3.76
C ALA A 231 7.81 -14.23 -2.39
N TRP A 232 7.98 -13.34 -1.43
CA TRP A 232 7.76 -13.76 -0.05
C TRP A 232 6.75 -12.93 0.72
N VAL A 233 6.74 -11.60 0.59
CA VAL A 233 5.77 -10.83 1.38
C VAL A 233 5.20 -9.72 0.53
N PRO A 234 3.91 -9.74 0.21
CA PRO A 234 3.33 -8.68 -0.62
C PRO A 234 3.32 -7.35 0.10
N ARG A 235 3.25 -6.28 -0.68
CA ARG A 235 3.31 -4.92 -0.19
C ARG A 235 2.42 -4.03 -1.04
N PRO A 236 2.08 -2.85 -0.55
CA PRO A 236 1.40 -1.89 -1.39
C PRO A 236 2.31 -1.43 -2.51
N PRO A 237 1.90 -1.62 -3.76
CA PRO A 237 2.76 -1.19 -4.87
C PRO A 237 3.06 0.29 -4.78
N ARG A 238 4.26 0.66 -5.23
CA ARG A 238 4.72 2.03 -5.12
C ARG A 238 3.74 2.97 -5.82
N ALA A 239 3.26 3.96 -5.10
CA ALA A 239 2.27 4.90 -5.62
C ALA A 239 2.84 6.30 -5.83
N THR A 240 4.13 6.41 -6.10
CA THR A 240 4.77 7.70 -6.27
C THR A 240 6.02 7.51 -7.10
N GLN A 241 6.37 8.50 -7.91
CA GLN A 241 7.58 8.40 -8.71
C GLN A 241 8.80 8.45 -7.81
N TYR A 242 9.79 7.62 -8.15
CA TYR A 242 10.99 7.55 -7.35
C TYR A 242 11.80 8.83 -7.46
N THR A 243 12.72 9.02 -6.52
CA THR A 243 13.64 10.13 -6.56
C THR A 243 15.09 9.67 -6.59
N HIS A 244 15.46 8.74 -5.71
CA HIS A 244 16.83 8.23 -5.69
C HIS A 244 16.83 6.72 -5.75
N LYS A 245 18.01 6.10 -5.76
CA LYS A 245 18.11 4.66 -5.72
C LYS A 245 18.53 4.22 -4.33
N TYR A 246 18.04 3.04 -3.93
CA TYR A 246 18.26 2.48 -2.60
C TYR A 246 17.67 3.35 -1.50
N SER A 247 16.88 4.36 -1.86
CA SER A 247 16.55 5.40 -0.90
C SER A 247 15.07 5.55 -0.58
N THR A 248 14.17 5.00 -1.38
CA THR A 248 12.71 5.04 -1.16
C THR A 248 12.25 6.41 -0.66
N ASN A 249 12.89 7.49 -1.09
CA ASN A 249 12.28 8.80 -0.95
C ASN A 249 11.29 9.00 -2.07
N TYR A 250 10.39 9.96 -1.87
CA TYR A 250 9.48 10.32 -2.96
C TYR A 250 9.31 11.81 -3.14
N HIS A 251 9.68 12.64 -2.17
CA HIS A 251 9.60 14.08 -2.33
C HIS A 251 10.58 14.50 -3.40
N TYR A 252 10.08 14.94 -4.54
CA TYR A 252 10.95 15.40 -5.61
C TYR A 252 11.28 16.87 -5.39
N LYS A 253 12.55 17.20 -5.40
CA LYS A 253 12.99 18.59 -5.36
C LYS A 253 13.25 19.02 -6.79
N PRO A 254 12.28 19.64 -7.45
CA PRO A 254 12.36 19.80 -8.90
C PRO A 254 13.38 20.82 -9.36
N ASN A 255 13.41 21.98 -8.71
CA ASN A 255 14.24 23.10 -9.16
C ASN A 255 15.26 23.40 -8.06
N SER A 256 16.45 22.81 -8.17
CA SER A 256 17.51 23.05 -7.22
C SER A 256 18.16 24.40 -7.38
N SER A 257 18.22 24.93 -8.60
CA SER A 257 18.85 26.22 -8.87
C SER A 257 18.01 27.38 -8.32
N GLY A 258 16.79 27.53 -8.83
CA GLY A 258 15.95 28.69 -8.56
C GLY A 258 15.70 28.93 -7.09
N PRO A 259 15.16 30.12 -6.76
CA PRO A 259 14.90 30.44 -5.36
C PRO A 259 13.64 29.78 -4.84
N ASP A 260 13.41 28.54 -5.26
CA ASP A 260 12.36 27.70 -4.70
C ASP A 260 12.81 26.32 -4.29
N GLU A 261 14.12 26.08 -4.28
CA GLU A 261 14.67 24.76 -4.10
C GLU A 261 14.02 24.05 -2.91
N HIS A 262 13.44 24.81 -1.99
CA HIS A 262 12.86 24.19 -0.80
C HIS A 262 11.38 23.89 -1.01
N VAL A 263 10.96 23.80 -2.27
CA VAL A 263 9.62 23.36 -2.62
C VAL A 263 9.73 21.95 -3.18
N LEU A 264 9.00 21.02 -2.59
CA LEU A 264 9.12 19.60 -2.92
C LEU A 264 7.82 19.11 -3.54
N LYS A 265 7.85 18.83 -4.83
CA LYS A 265 6.73 18.19 -5.48
C LYS A 265 6.48 16.81 -4.90
N ASP A 266 5.31 16.26 -5.22
CA ASP A 266 4.92 14.96 -4.71
C ASP A 266 4.95 13.88 -5.79
N ARG A 267 4.35 14.16 -6.93
CA ARG A 267 4.38 13.27 -8.10
C ARG A 267 3.72 11.92 -7.79
N HIS A 268 2.45 11.98 -7.48
CA HIS A 268 1.61 10.79 -7.34
C HIS A 268 0.76 10.63 -8.59
N PHE A 269 0.00 9.54 -8.64
CA PHE A 269 -0.81 9.24 -9.82
C PHE A 269 -2.31 9.24 -9.53
N ILE A 270 -2.75 9.93 -8.49
CA ILE A 270 -4.17 9.97 -8.16
C ILE A 270 -4.78 11.16 -8.88
N LYS A 271 -5.59 10.88 -9.89
CA LYS A 271 -6.29 11.94 -10.58
C LYS A 271 -7.54 12.34 -9.81
N THR A 272 -7.95 13.58 -10.02
CA THR A 272 -9.08 14.14 -9.31
C THR A 272 -10.28 14.24 -10.24
N ARG A 273 -11.46 14.08 -9.69
CA ARG A 273 -12.64 14.23 -10.51
C ARG A 273 -13.43 15.45 -10.08
N PRO A 274 -14.20 16.05 -10.99
CA PRO A 274 -14.82 17.35 -10.69
C PRO A 274 -15.85 17.29 -9.59
N LEU A 275 -16.56 16.18 -9.45
CA LEU A 275 -17.69 16.12 -8.54
C LEU A 275 -17.79 14.62 -8.29
N ILE A 276 -17.95 14.22 -7.04
CA ILE A 276 -18.39 12.86 -6.75
C ILE A 276 -19.88 12.77 -7.02
N SER A 277 -20.36 11.53 -7.13
CA SER A 277 -21.77 11.26 -7.45
C SER A 277 -22.12 11.75 -8.85
N SER A 278 -21.12 12.03 -9.66
CA SER A 278 -21.38 12.39 -11.04
C SER A 278 -20.56 11.59 -12.03
N ALA A 279 -19.50 10.91 -11.59
CA ALA A 279 -18.55 10.31 -12.51
C ALA A 279 -19.25 9.30 -13.42
N GLY B 1 27.60 -34.37 -41.34
CA GLY B 1 26.79 -33.40 -40.62
C GLY B 1 25.31 -33.63 -40.75
N LEU B 2 24.61 -33.52 -39.65
CA LEU B 2 23.15 -33.65 -39.66
C LEU B 2 22.56 -32.39 -40.27
N PRO B 3 21.66 -32.51 -41.24
CA PRO B 3 21.13 -31.31 -41.88
C PRO B 3 20.20 -30.55 -40.96
N THR B 4 20.55 -29.32 -40.63
CA THR B 4 19.68 -28.44 -39.86
C THR B 4 19.37 -27.20 -40.68
N ARG B 5 18.24 -26.57 -40.34
CA ARG B 5 17.86 -25.32 -40.98
C ARG B 5 17.56 -24.32 -39.90
N LEU B 6 17.86 -23.05 -40.18
CA LEU B 6 17.62 -21.95 -39.25
C LEU B 6 16.42 -21.17 -39.76
N PRO B 7 15.22 -21.51 -39.36
CA PRO B 7 14.06 -20.76 -39.84
C PRO B 7 14.09 -19.33 -39.38
N SER B 8 13.15 -18.51 -39.83
CA SER B 8 13.05 -17.16 -39.30
C SER B 8 12.69 -17.21 -37.84
N GLY B 9 13.34 -16.36 -37.05
CA GLY B 9 13.13 -16.38 -35.62
C GLY B 9 14.10 -17.25 -34.87
N SER B 10 15.30 -17.33 -35.32
CA SER B 10 16.26 -18.20 -34.69
C SER B 10 17.60 -17.58 -34.32
N GLN B 11 18.07 -16.24 -34.77
CA GLN B 11 19.02 -15.25 -34.26
C GLN B 11 18.32 -13.99 -33.79
N GLN B 12 17.46 -14.09 -32.79
CA GLN B 12 16.78 -12.92 -32.24
C GLN B 12 16.74 -13.00 -30.72
N PHE B 13 16.50 -11.86 -30.10
CA PHE B 13 16.34 -11.76 -28.66
C PHE B 13 14.95 -11.19 -28.40
N MET B 14 14.01 -12.07 -28.10
CA MET B 14 12.68 -11.66 -27.68
C MET B 14 12.64 -11.64 -26.16
N THR B 15 12.22 -10.52 -25.60
CA THR B 15 12.34 -10.37 -24.15
C THR B 15 11.50 -11.38 -23.41
N THR B 16 10.43 -11.87 -24.01
CA THR B 16 9.46 -12.69 -23.31
C THR B 16 9.52 -14.16 -23.74
N GLU B 17 10.69 -14.63 -24.15
CA GLU B 17 10.86 -16.03 -24.51
C GLU B 17 11.27 -16.84 -23.29
N ASP B 18 11.49 -18.13 -23.51
CA ASP B 18 11.80 -19.08 -22.43
C ASP B 18 12.92 -19.99 -22.91
N GLU B 19 14.16 -19.63 -22.59
CA GLU B 19 15.32 -20.37 -23.06
C GLU B 19 16.22 -20.69 -21.87
N GLN B 20 17.14 -21.62 -22.10
CA GLN B 20 18.16 -21.93 -21.13
C GLN B 20 19.44 -21.18 -21.46
N SER B 21 20.19 -20.83 -20.42
CA SER B 21 21.35 -19.98 -20.56
C SER B 21 22.51 -20.56 -19.78
N PRO B 22 23.73 -20.40 -20.28
CA PRO B 22 24.89 -21.00 -19.63
C PRO B 22 25.16 -20.37 -18.28
N ASN B 23 25.32 -21.20 -17.26
CA ASN B 23 25.51 -20.71 -15.91
C ASN B 23 26.92 -20.20 -15.74
N ILE B 24 27.09 -18.88 -15.70
CA ILE B 24 28.31 -18.31 -15.15
C ILE B 24 28.39 -18.68 -13.67
N LEU B 25 29.61 -18.68 -13.15
CA LEU B 25 29.85 -19.15 -11.79
C LEU B 25 29.36 -20.58 -11.60
N PRO B 26 29.95 -21.57 -12.25
CA PRO B 26 29.53 -22.95 -12.05
C PRO B 26 29.97 -23.46 -10.69
N GLY B 27 29.35 -24.55 -10.26
CA GLY B 27 29.60 -25.08 -8.94
C GLY B 27 29.06 -24.22 -7.82
N PHE B 28 28.47 -23.08 -8.12
CA PHE B 28 27.99 -22.16 -7.10
C PHE B 28 26.83 -22.77 -6.34
N HIS B 29 26.87 -22.66 -5.02
CA HIS B 29 25.86 -23.26 -4.16
C HIS B 29 25.06 -22.17 -3.48
N PRO B 30 23.80 -21.95 -3.83
CA PRO B 30 23.04 -20.87 -3.21
C PRO B 30 22.71 -21.19 -1.76
N SER B 31 22.50 -20.14 -0.98
CA SER B 31 22.17 -20.33 0.43
C SER B 31 20.82 -21.02 0.57
N LYS B 32 20.65 -21.74 1.67
CA LYS B 32 19.49 -22.61 1.80
C LYS B 32 18.22 -21.79 1.88
N LYS B 33 17.13 -22.42 1.46
CA LYS B 33 15.81 -21.80 1.41
C LYS B 33 15.08 -22.13 2.69
N ILE B 34 14.95 -21.14 3.57
CA ILE B 34 14.31 -21.33 4.85
C ILE B 34 12.85 -20.91 4.71
N HIS B 35 12.04 -21.27 5.70
CA HIS B 35 10.62 -21.00 5.65
C HIS B 35 10.37 -19.58 6.15
N ILE B 36 10.15 -18.65 5.23
CA ILE B 36 9.72 -17.30 5.55
C ILE B 36 8.21 -17.25 5.45
N PRO B 37 7.50 -16.78 6.46
CA PRO B 37 6.04 -16.78 6.38
C PRO B 37 5.56 -15.78 5.36
N GLY B 38 4.48 -16.12 4.68
CA GLY B 38 3.80 -15.21 3.80
C GLY B 38 4.01 -15.43 2.33
N MET B 39 4.62 -16.54 1.92
CA MET B 39 4.96 -16.75 0.52
C MET B 39 3.76 -16.54 -0.37
N ILE B 40 3.97 -15.84 -1.48
CA ILE B 40 2.93 -15.60 -2.47
C ILE B 40 3.35 -16.30 -3.76
N THR B 41 2.37 -16.83 -4.49
CA THR B 41 2.63 -17.52 -5.73
C THR B 41 1.94 -16.90 -6.92
N ASN B 42 1.08 -15.92 -6.71
CA ASN B 42 0.22 -15.41 -7.75
C ASN B 42 -0.21 -14.01 -7.36
N VAL B 43 -0.04 -13.04 -8.26
CA VAL B 43 -0.38 -11.67 -7.93
C VAL B 43 -1.88 -11.46 -7.78
N MET B 44 -2.69 -12.33 -8.38
CA MET B 44 -4.13 -12.21 -8.16
C MET B 44 -4.50 -12.40 -6.72
N HIS B 45 -3.70 -13.14 -5.97
CA HIS B 45 -3.92 -13.22 -4.53
C HIS B 45 -3.77 -11.87 -3.86
N MET B 46 -2.92 -11.00 -4.39
CA MET B 46 -2.94 -9.61 -3.96
C MET B 46 -4.20 -8.91 -4.42
N ALA B 47 -4.62 -9.19 -5.65
CA ALA B 47 -5.83 -8.53 -6.17
C ALA B 47 -7.10 -9.03 -5.52
N ARG B 48 -7.02 -9.93 -4.55
CA ARG B 48 -8.19 -10.41 -3.83
C ARG B 48 -8.26 -9.91 -2.41
N VAL B 49 -7.38 -9.00 -2.02
CA VAL B 49 -7.39 -8.40 -0.69
C VAL B 49 -8.07 -7.05 -0.78
N ASP B 50 -9.03 -6.80 0.11
CA ASP B 50 -9.77 -5.55 0.06
C ASP B 50 -8.84 -4.37 0.31
N SER B 51 -9.03 -3.31 -0.46
CA SER B 51 -8.26 -2.10 -0.32
C SER B 51 -9.17 -0.90 -0.51
N PHE B 52 -8.93 0.16 0.25
CA PHE B 52 -9.85 1.28 0.25
C PHE B 52 -9.82 2.01 -1.08
N ILE B 53 -10.98 2.49 -1.51
CA ILE B 53 -11.09 3.25 -2.75
C ILE B 53 -11.05 4.74 -2.41
N PRO B 54 -10.25 5.53 -3.10
CA PRO B 54 -10.28 6.97 -2.86
C PRO B 54 -11.56 7.60 -3.41
N ILE B 55 -12.68 7.34 -2.73
CA ILE B 55 -13.98 7.75 -3.28
C ILE B 55 -14.23 9.24 -3.20
N ASN B 56 -13.47 9.97 -2.41
CA ASN B 56 -13.70 11.40 -2.30
C ASN B 56 -12.56 12.16 -2.95
N ASN B 57 -12.05 11.65 -4.06
CA ASN B 57 -10.89 12.26 -4.70
C ASN B 57 -11.34 13.47 -5.51
N ILE B 58 -11.67 14.53 -4.79
CA ILE B 58 -11.93 15.81 -5.39
C ILE B 58 -10.67 16.66 -5.23
N GLN B 59 -10.63 17.78 -5.95
CA GLN B 59 -9.40 18.54 -6.08
C GLN B 59 -8.86 19.08 -4.77
N GLY B 60 -9.65 19.06 -3.70
CA GLY B 60 -9.17 19.54 -2.42
C GLY B 60 -8.74 18.42 -1.48
N GLU B 61 -8.99 17.17 -1.86
CA GLU B 61 -8.77 16.05 -0.97
C GLU B 61 -7.59 15.17 -1.34
N VAL B 62 -7.21 15.10 -2.62
CA VAL B 62 -6.11 14.23 -2.99
C VAL B 62 -4.86 14.69 -2.26
N GLY B 63 -4.10 13.73 -1.74
CA GLY B 63 -3.02 14.05 -0.85
C GLY B 63 -3.38 14.10 0.61
N LYS B 64 -4.66 13.95 0.95
CA LYS B 64 -5.12 13.96 2.33
C LYS B 64 -5.87 12.66 2.61
N VAL B 65 -5.79 12.23 3.86
CA VAL B 65 -6.44 10.98 4.24
C VAL B 65 -7.94 11.10 4.13
N SER B 66 -8.46 12.33 4.07
CA SER B 66 -9.89 12.55 3.94
C SER B 66 -10.40 12.26 2.55
N MET B 67 -9.55 11.77 1.66
CA MET B 67 -10.00 11.37 0.34
C MET B 67 -10.46 9.92 0.33
N TYR B 68 -10.55 9.28 1.47
CA TYR B 68 -11.00 7.91 1.55
C TYR B 68 -12.41 7.77 2.12
N TYR B 69 -13.06 8.88 2.48
CA TYR B 69 -14.40 8.80 3.03
C TYR B 69 -15.21 10.02 2.60
N ILE B 70 -16.51 9.81 2.43
CA ILE B 70 -17.46 10.86 2.14
C ILE B 70 -18.43 10.94 3.30
N THR B 71 -19.02 12.12 3.48
CA THR B 71 -19.87 12.41 4.62
C THR B 71 -21.32 12.39 4.19
N VAL B 72 -22.13 11.59 4.89
CA VAL B 72 -23.56 11.49 4.62
C VAL B 72 -24.31 12.08 5.79
N THR B 73 -25.53 12.56 5.52
CA THR B 73 -26.33 13.23 6.53
C THR B 73 -27.79 12.90 6.31
N LYS B 74 -28.63 13.47 7.16
CA LYS B 74 -30.07 13.26 7.09
C LYS B 74 -30.65 14.20 6.06
N LYS B 75 -31.09 13.66 4.94
CA LYS B 75 -31.76 14.45 3.92
C LYS B 75 -33.18 13.96 3.74
N THR B 76 -34.09 14.91 3.51
CA THR B 76 -35.50 14.57 3.41
C THR B 76 -35.79 13.74 2.18
N VAL B 77 -35.11 14.02 1.08
CA VAL B 77 -35.35 13.34 -0.18
C VAL B 77 -34.13 12.52 -0.56
N THR B 78 -34.38 11.46 -1.34
CA THR B 78 -33.29 10.63 -1.82
C THR B 78 -32.34 11.44 -2.69
N GLU B 79 -31.05 11.09 -2.62
CA GLU B 79 -30.00 11.75 -3.37
C GLU B 79 -29.03 10.69 -3.85
N ARG B 80 -28.35 10.95 -4.96
CA ARG B 80 -27.25 10.09 -5.38
C ARG B 80 -25.99 10.48 -4.63
N ILE B 81 -25.55 9.63 -3.72
CA ILE B 81 -24.43 9.97 -2.85
C ILE B 81 -23.12 9.88 -3.59
N LEU B 82 -22.93 8.84 -4.39
CA LEU B 82 -21.62 8.45 -4.88
C LEU B 82 -21.77 7.59 -6.12
N VAL B 83 -20.88 7.80 -7.09
CA VAL B 83 -20.86 7.02 -8.32
C VAL B 83 -19.44 6.51 -8.55
N LEU B 84 -19.31 5.22 -8.81
CA LEU B 84 -18.01 4.63 -9.14
C LEU B 84 -18.09 3.96 -10.50
N PRO B 85 -17.64 4.59 -11.57
CA PRO B 85 -17.70 3.94 -12.88
C PRO B 85 -16.75 2.75 -12.91
N LEU B 86 -17.28 1.60 -13.31
CA LEU B 86 -16.50 0.35 -13.24
C LEU B 86 -15.66 0.68 -14.46
N GLU B 87 -14.46 1.18 -14.19
CA GLU B 87 -13.34 1.28 -15.11
C GLU B 87 -12.06 1.03 -14.34
N MET B 88 -11.42 -0.11 -14.58
CA MET B 88 -10.19 -0.42 -13.87
C MET B 88 -9.04 0.48 -14.27
N SER B 89 -9.28 1.48 -15.12
CA SER B 89 -8.32 2.53 -15.40
C SER B 89 -8.68 3.83 -14.71
N ASN B 90 -9.88 3.92 -14.16
CA ASN B 90 -10.27 5.12 -13.44
C ASN B 90 -9.51 5.22 -12.13
N THR B 91 -9.12 6.44 -11.77
CA THR B 91 -8.28 6.64 -10.60
C THR B 91 -8.89 6.09 -9.33
N LEU B 92 -10.18 5.77 -9.31
CA LEU B 92 -10.76 5.12 -8.14
C LEU B 92 -10.18 3.73 -7.98
N PHE B 93 -10.28 2.90 -9.00
CA PHE B 93 -9.80 1.54 -8.95
C PHE B 93 -8.32 1.44 -9.28
N ALA B 94 -7.83 2.28 -10.19
CA ALA B 94 -6.46 2.14 -10.65
C ALA B 94 -5.43 2.40 -9.57
N THR B 95 -5.84 2.83 -8.38
CA THR B 95 -4.91 3.03 -7.28
C THR B 95 -5.07 2.01 -6.17
N THR B 96 -6.08 1.16 -6.23
CA THR B 96 -6.25 0.15 -5.20
C THR B 96 -5.47 -1.10 -5.59
N LEU B 97 -5.44 -2.08 -4.68
CA LEU B 97 -4.74 -3.32 -4.98
C LEU B 97 -5.34 -4.00 -6.20
N LEU B 98 -6.66 -4.13 -6.21
CA LEU B 98 -7.36 -4.68 -7.37
C LEU B 98 -6.94 -3.98 -8.64
N GLY B 99 -7.11 -2.66 -8.69
CA GLY B 99 -6.80 -1.93 -9.90
C GLY B 99 -5.33 -1.90 -10.21
N GLU B 100 -4.48 -1.79 -9.20
CA GLU B 100 -3.06 -1.72 -9.50
C GLU B 100 -2.48 -3.04 -9.95
N VAL B 101 -3.14 -4.16 -9.66
CA VAL B 101 -2.74 -5.41 -10.27
C VAL B 101 -3.36 -5.55 -11.65
N LEU B 102 -4.63 -5.18 -11.79
CA LEU B 102 -5.31 -5.33 -13.07
C LEU B 102 -4.79 -4.39 -14.14
N ASN B 103 -4.12 -3.31 -13.77
CA ASN B 103 -3.62 -2.40 -14.77
C ASN B 103 -2.38 -2.92 -15.47
N TYR B 104 -1.74 -3.94 -14.95
CA TYR B 104 -0.66 -4.57 -15.69
C TYR B 104 -1.18 -5.45 -16.81
N TYR B 105 -2.48 -5.70 -16.86
CA TYR B 105 -3.07 -6.64 -17.80
C TYR B 105 -4.09 -5.93 -18.67
N ALA B 106 -4.02 -6.18 -19.97
CA ALA B 106 -4.87 -5.47 -20.91
C ALA B 106 -6.34 -5.84 -20.79
N ASN B 107 -6.64 -7.06 -20.34
CA ASN B 107 -8.01 -7.53 -20.24
C ASN B 107 -8.24 -8.14 -18.88
N TRP B 108 -9.49 -8.09 -18.42
CA TRP B 108 -9.87 -8.70 -17.16
C TRP B 108 -11.31 -9.17 -17.27
N SER B 109 -11.62 -10.28 -16.60
CA SER B 109 -12.92 -10.91 -16.78
C SER B 109 -13.16 -11.52 -15.41
N GLY B 110 -14.16 -11.02 -14.69
CA GLY B 110 -14.61 -11.68 -13.48
C GLY B 110 -15.56 -10.77 -12.73
N SER B 111 -15.76 -11.10 -11.46
CA SER B 111 -16.69 -10.38 -10.61
C SER B 111 -15.94 -9.63 -9.53
N ILE B 112 -16.42 -8.42 -9.23
CA ILE B 112 -15.81 -7.52 -8.26
C ILE B 112 -16.64 -7.56 -6.99
N THR B 113 -15.98 -7.33 -5.86
CA THR B 113 -16.64 -7.15 -4.59
C THR B 113 -16.40 -5.72 -4.14
N ILE B 114 -17.43 -5.05 -3.63
CA ILE B 114 -17.29 -3.70 -3.10
C ILE B 114 -17.94 -3.67 -1.73
N THR B 115 -17.13 -3.42 -0.71
CA THR B 115 -17.56 -3.52 0.68
C THR B 115 -17.70 -2.13 1.27
N PHE B 116 -18.93 -1.68 1.48
CA PHE B 116 -19.18 -0.36 2.03
C PHE B 116 -19.25 -0.42 3.54
N MET B 117 -18.57 0.50 4.21
CA MET B 117 -18.58 0.58 5.66
C MET B 117 -18.93 1.99 6.08
N CYS B 118 -19.76 2.11 7.10
CA CYS B 118 -20.20 3.40 7.62
C CYS B 118 -19.57 3.58 8.98
N VAL B 119 -18.78 4.63 9.14
CA VAL B 119 -18.17 4.94 10.43
C VAL B 119 -18.92 6.09 11.06
N CYS B 120 -19.74 5.79 12.05
CA CYS B 120 -20.53 6.78 12.75
C CYS B 120 -20.73 6.27 14.17
N ASP B 121 -21.55 6.95 14.96
CA ASP B 121 -21.75 6.54 16.33
C ASP B 121 -22.51 5.23 16.38
N ALA B 122 -22.75 4.75 17.59
CA ALA B 122 -23.49 3.52 17.75
C ALA B 122 -25.00 3.71 17.65
N PHE B 123 -25.48 4.95 17.75
CA PHE B 123 -26.90 5.21 17.68
C PHE B 123 -27.37 5.62 16.30
N SER B 124 -26.45 5.94 15.39
CA SER B 124 -26.83 6.32 14.05
C SER B 124 -27.24 5.09 13.26
N THR B 125 -28.37 5.18 12.57
CA THR B 125 -28.82 4.12 11.69
C THR B 125 -29.27 4.71 10.37
N GLY B 126 -29.45 3.83 9.38
CA GLY B 126 -29.86 4.25 8.07
C GLY B 126 -29.79 3.12 7.07
N LYS B 127 -30.49 3.25 5.95
CA LYS B 127 -30.46 2.24 4.90
C LYS B 127 -29.98 2.89 3.61
N PHE B 128 -29.11 2.20 2.89
CA PHE B 128 -28.59 2.68 1.63
C PHE B 128 -28.87 1.64 0.56
N LEU B 129 -29.10 2.10 -0.66
CA LEU B 129 -29.30 1.23 -1.80
C LEU B 129 -28.08 1.32 -2.70
N VAL B 130 -27.37 0.21 -2.83
CA VAL B 130 -26.17 0.13 -3.64
C VAL B 130 -26.51 -0.54 -4.95
N ALA B 131 -26.55 0.23 -6.03
CA ALA B 131 -27.02 -0.28 -7.31
C ALA B 131 -25.87 -0.32 -8.30
N TYR B 132 -25.89 -1.33 -9.17
CA TYR B 132 -24.90 -1.51 -10.22
C TYR B 132 -25.63 -1.53 -11.55
N THR B 133 -25.46 -0.48 -12.33
CA THR B 133 -26.15 -0.38 -13.61
C THR B 133 -25.36 -1.13 -14.67
N PRO B 134 -25.91 -2.18 -15.27
CA PRO B 134 -25.13 -3.06 -16.15
C PRO B 134 -24.58 -2.30 -17.33
N PRO B 135 -23.65 -2.90 -18.08
CA PRO B 135 -23.05 -2.20 -19.22
C PRO B 135 -24.09 -1.86 -20.28
N GLY B 136 -23.86 -0.74 -20.96
CA GLY B 136 -24.81 -0.22 -21.91
C GLY B 136 -25.88 0.64 -21.29
N GLY B 137 -26.01 0.63 -19.96
CA GLY B 137 -27.04 1.39 -19.30
C GLY B 137 -26.54 2.74 -18.83
N LYS B 138 -27.36 3.75 -19.06
CA LYS B 138 -27.04 5.11 -18.65
C LYS B 138 -26.88 5.20 -17.15
N LEU B 139 -26.15 6.21 -16.71
CA LEU B 139 -26.08 6.52 -15.30
C LEU B 139 -27.47 6.85 -14.78
N PRO B 140 -27.91 6.24 -13.69
CA PRO B 140 -29.33 6.29 -13.32
C PRO B 140 -29.90 7.68 -13.13
N GLU B 141 -29.30 8.48 -12.25
CA GLU B 141 -29.78 9.82 -11.88
C GLU B 141 -31.23 9.82 -11.42
N ASP B 142 -31.72 8.69 -10.93
CA ASP B 142 -32.94 8.63 -10.13
C ASP B 142 -33.04 7.25 -9.52
N ARG B 143 -33.39 7.19 -8.24
CA ARG B 143 -33.41 5.91 -7.55
C ARG B 143 -34.42 4.96 -8.17
N LYS B 144 -35.48 5.50 -8.79
CA LYS B 144 -36.43 4.63 -9.47
C LYS B 144 -35.81 3.98 -10.70
N GLN B 145 -34.77 4.58 -11.26
CA GLN B 145 -34.05 3.97 -12.37
C GLN B 145 -32.86 3.15 -11.91
N ALA B 146 -32.22 3.53 -10.82
CA ALA B 146 -31.08 2.78 -10.32
C ALA B 146 -31.47 1.44 -9.76
N MET B 147 -32.66 1.31 -9.19
CA MET B 147 -33.05 0.07 -8.53
C MET B 147 -33.48 -1.00 -9.51
N LEU B 148 -33.42 -0.75 -10.81
CA LEU B 148 -33.81 -1.77 -11.77
C LEU B 148 -32.66 -2.68 -12.15
N GLY B 149 -31.42 -2.24 -11.97
CA GLY B 149 -30.26 -3.08 -12.19
C GLY B 149 -29.92 -3.90 -10.96
N VAL B 150 -28.74 -4.50 -10.98
CA VAL B 150 -28.30 -5.31 -9.85
C VAL B 150 -28.10 -4.39 -8.67
N HIS B 151 -28.93 -4.50 -7.65
CA HIS B 151 -28.81 -3.66 -6.48
C HIS B 151 -28.99 -4.48 -5.22
N ILE B 152 -28.52 -3.92 -4.10
CA ILE B 152 -28.81 -4.47 -2.79
C ILE B 152 -29.17 -3.33 -1.86
N ILE B 153 -29.68 -3.69 -0.70
CA ILE B 153 -30.14 -2.73 0.29
C ILE B 153 -29.61 -3.17 1.64
N TRP B 154 -28.76 -2.36 2.26
CA TRP B 154 -28.14 -2.78 3.50
C TRP B 154 -28.52 -1.86 4.64
N ASP B 155 -28.92 -2.48 5.74
CA ASP B 155 -29.23 -1.81 6.99
C ASP B 155 -27.94 -1.33 7.65
N LEU B 156 -28.09 -0.74 8.82
CA LEU B 156 -26.96 -0.22 9.59
C LEU B 156 -27.25 -0.48 11.07
N GLY B 157 -26.64 -1.53 11.62
CA GLY B 157 -26.73 -1.76 13.04
C GLY B 157 -26.03 -3.02 13.48
N LEU B 158 -25.21 -2.93 14.53
CA LEU B 158 -24.49 -4.07 15.11
C LEU B 158 -23.49 -4.62 14.11
N GLN B 159 -23.55 -4.15 12.88
CA GLN B 159 -22.66 -4.58 11.81
C GLN B 159 -22.69 -3.47 10.77
N SER B 160 -21.51 -3.01 10.36
CA SER B 160 -21.43 -1.79 9.59
C SER B 160 -21.03 -2.01 8.14
N SER B 161 -20.41 -3.13 7.81
CA SER B 161 -19.89 -3.35 6.47
C SER B 161 -20.86 -4.19 5.65
N CYS B 162 -21.00 -3.82 4.39
CA CYS B 162 -21.89 -4.53 3.48
C CYS B 162 -21.25 -4.62 2.11
N THR B 163 -21.48 -5.73 1.43
CA THR B 163 -20.77 -6.07 0.20
C THR B 163 -21.74 -6.24 -0.96
N ILE B 164 -21.55 -5.46 -2.01
CA ILE B 164 -22.24 -5.70 -3.27
C ILE B 164 -21.28 -6.38 -4.22
N VAL B 165 -21.70 -7.51 -4.76
CA VAL B 165 -20.87 -8.31 -5.65
C VAL B 165 -21.27 -7.91 -7.06
N VAL B 166 -20.50 -7.01 -7.67
CA VAL B 166 -20.76 -6.59 -9.04
C VAL B 166 -20.55 -7.80 -9.94
N PRO B 167 -21.60 -8.41 -10.45
CA PRO B 167 -21.45 -9.66 -11.18
C PRO B 167 -20.87 -9.41 -12.56
N TRP B 168 -20.47 -10.49 -13.21
CA TRP B 168 -19.83 -10.42 -14.52
C TRP B 168 -20.92 -10.44 -15.58
N ILE B 169 -21.42 -9.27 -15.93
CA ILE B 169 -22.35 -9.12 -17.04
C ILE B 169 -21.56 -8.51 -18.19
N SER B 170 -21.45 -9.26 -19.29
CA SER B 170 -20.76 -8.73 -20.46
C SER B 170 -21.18 -9.50 -21.69
N SER B 171 -21.03 -8.86 -22.84
CA SER B 171 -21.20 -9.56 -24.11
C SER B 171 -19.99 -10.43 -24.40
N GLY B 172 -18.83 -9.80 -24.56
CA GLY B 172 -17.61 -10.52 -24.82
C GLY B 172 -17.19 -11.40 -23.65
N PHE B 173 -16.03 -12.01 -23.79
CA PHE B 173 -15.52 -12.84 -22.72
C PHE B 173 -14.52 -12.12 -21.85
N TYR B 174 -13.96 -11.02 -22.32
CA TYR B 174 -13.02 -10.23 -21.55
C TYR B 174 -13.33 -8.76 -21.74
N ARG B 175 -13.14 -8.01 -20.67
CA ARG B 175 -13.43 -6.59 -20.66
C ARG B 175 -12.12 -5.82 -20.59
N ARG B 176 -11.91 -4.92 -21.54
CA ARG B 176 -10.66 -4.19 -21.62
C ARG B 176 -10.41 -3.41 -20.34
N THR B 177 -9.15 -3.31 -19.94
CA THR B 177 -8.83 -2.57 -18.74
C THR B 177 -9.00 -1.08 -18.96
N LYS B 178 -8.33 -0.52 -19.97
CA LYS B 178 -8.52 0.88 -20.29
C LYS B 178 -9.91 1.06 -20.86
N ALA B 179 -10.80 1.65 -20.06
CA ALA B 179 -12.21 1.66 -20.39
C ALA B 179 -12.46 2.38 -21.70
N ASP B 180 -13.16 1.72 -22.60
CA ASP B 180 -13.65 2.35 -23.82
C ASP B 180 -15.15 2.18 -23.91
N SER B 181 -15.75 2.65 -24.99
CA SER B 181 -17.19 2.64 -25.11
C SER B 181 -17.75 1.28 -25.50
N PHE B 182 -16.92 0.39 -26.03
CA PHE B 182 -17.42 -0.89 -26.49
C PHE B 182 -17.54 -1.89 -25.34
N THR B 183 -16.57 -1.90 -24.45
CA THR B 183 -16.60 -2.82 -23.31
C THR B 183 -16.84 -2.19 -21.95
N HIS B 184 -17.46 -1.03 -21.91
CA HIS B 184 -17.60 -0.31 -20.65
C HIS B 184 -18.26 -1.20 -19.62
N GLY B 185 -17.97 -0.92 -18.35
CA GLY B 185 -18.43 -1.80 -17.30
C GLY B 185 -19.65 -1.36 -16.53
N GLY B 186 -20.16 -0.18 -16.81
CA GLY B 186 -21.29 0.32 -16.07
C GLY B 186 -20.86 1.14 -14.88
N TYR B 187 -21.82 1.40 -14.01
CA TYR B 187 -21.60 2.28 -12.87
C TYR B 187 -22.14 1.63 -11.62
N VAL B 188 -21.59 2.01 -10.48
CA VAL B 188 -22.07 1.59 -9.17
C VAL B 188 -22.45 2.84 -8.41
N SER B 189 -23.74 3.02 -8.19
CA SER B 189 -24.25 4.22 -7.56
C SER B 189 -24.82 3.89 -6.20
N LEU B 190 -24.56 4.77 -5.23
CA LEU B 190 -25.00 4.58 -3.86
C LEU B 190 -26.09 5.59 -3.54
N TRP B 191 -27.26 5.10 -3.16
CA TRP B 191 -28.43 5.93 -2.95
C TRP B 191 -28.95 5.78 -1.54
N TYR B 192 -29.47 6.87 -0.98
CA TYR B 192 -30.19 6.81 0.27
C TYR B 192 -31.43 5.95 0.11
N GLN B 193 -31.48 4.81 0.79
CA GLN B 193 -32.67 3.97 0.69
C GLN B 193 -33.83 4.58 1.46
N THR B 194 -33.68 4.74 2.78
CA THR B 194 -34.63 5.58 3.52
C THR B 194 -34.17 6.90 4.12
N ALA B 195 -32.99 6.94 4.68
CA ALA B 195 -32.27 8.15 5.08
C ALA B 195 -30.93 7.74 5.69
N PHE B 196 -30.30 8.65 6.42
CA PHE B 196 -29.31 8.44 7.47
C PHE B 196 -29.74 9.25 8.67
N VAL B 197 -30.19 8.58 9.73
CA VAL B 197 -30.76 9.25 10.89
C VAL B 197 -29.72 9.20 12.02
N PRO B 198 -29.07 10.31 12.34
CA PRO B 198 -28.13 10.32 13.43
C PRO B 198 -28.85 10.62 14.74
N PRO B 199 -28.19 10.46 15.89
CA PRO B 199 -28.88 10.73 17.15
C PRO B 199 -29.06 12.20 17.44
N VAL B 200 -28.46 13.09 16.66
CA VAL B 200 -28.61 14.52 16.87
C VAL B 200 -29.11 15.16 15.59
N SER B 201 -29.33 16.47 15.66
CA SER B 201 -29.95 17.16 14.55
C SER B 201 -29.01 17.28 13.36
N GLY B 202 -27.73 17.53 13.60
CA GLY B 202 -26.80 17.75 12.52
C GLY B 202 -25.71 16.70 12.46
N GLY B 203 -26.04 15.49 12.88
CA GLY B 203 -25.06 14.42 12.87
C GLY B 203 -24.66 14.03 11.46
N THR B 204 -23.47 13.46 11.36
CA THR B 204 -22.92 13.04 10.09
C THR B 204 -22.39 11.62 10.22
N GLY B 205 -22.24 10.97 9.07
CA GLY B 205 -21.63 9.67 9.02
C GLY B 205 -20.67 9.62 7.84
N SER B 206 -19.58 8.90 8.03
CA SER B 206 -18.49 8.87 7.08
C SER B 206 -18.43 7.48 6.47
N ILE B 207 -18.57 7.40 5.15
CA ILE B 207 -18.70 6.13 4.46
C ILE B 207 -17.41 5.83 3.72
N LEU B 208 -16.92 4.61 3.87
CA LEU B 208 -15.74 4.13 3.15
C LEU B 208 -16.15 3.04 2.17
N ALA B 209 -15.18 2.57 1.40
CA ALA B 209 -15.46 1.53 0.42
C ALA B 209 -14.17 0.85 0.01
N THR B 210 -14.19 -0.48 -0.02
CA THR B 210 -13.07 -1.27 -0.46
C THR B 210 -13.48 -2.13 -1.64
N CYS B 211 -12.50 -2.51 -2.45
CA CYS B 211 -12.76 -3.31 -3.63
C CYS B 211 -11.83 -4.51 -3.64
N SER B 212 -12.33 -5.63 -4.14
CA SER B 212 -11.53 -6.83 -4.27
C SER B 212 -12.08 -7.63 -5.44
N ALA B 213 -11.50 -8.79 -5.67
CA ALA B 213 -11.90 -9.63 -6.79
C ALA B 213 -12.46 -10.95 -6.29
N CYS B 214 -13.50 -11.41 -6.95
CA CYS B 214 -14.07 -12.70 -6.61
C CYS B 214 -13.14 -13.80 -7.11
N PRO B 215 -13.28 -15.02 -6.59
CA PRO B 215 -12.35 -16.08 -6.98
C PRO B 215 -12.36 -16.40 -8.46
N ASP B 216 -13.38 -15.98 -9.19
CA ASP B 216 -13.47 -16.28 -10.61
C ASP B 216 -12.96 -15.14 -11.47
N MET B 217 -12.21 -14.21 -10.91
CA MET B 217 -11.65 -13.12 -11.68
C MET B 217 -10.36 -13.56 -12.34
N SER B 218 -10.17 -13.17 -13.61
CA SER B 218 -8.98 -13.53 -14.35
C SER B 218 -8.53 -12.35 -15.20
N VAL B 219 -7.29 -12.42 -15.66
CA VAL B 219 -6.64 -11.36 -16.41
C VAL B 219 -5.76 -11.95 -17.48
N ARG B 220 -5.47 -11.18 -18.52
CA ARG B 220 -4.59 -11.68 -19.57
C ARG B 220 -3.92 -10.52 -20.29
N MET B 221 -2.88 -10.86 -21.06
CA MET B 221 -2.08 -9.92 -21.84
C MET B 221 -1.29 -8.85 -21.08
N LEU B 222 -0.47 -9.34 -20.15
CA LEU B 222 0.38 -8.46 -19.35
C LEU B 222 0.99 -7.36 -20.20
N ARG B 223 1.07 -6.16 -19.63
CA ARG B 223 1.55 -4.99 -20.33
C ARG B 223 2.21 -4.06 -19.33
N ASP B 224 2.57 -2.86 -19.77
CA ASP B 224 3.12 -1.87 -18.85
C ASP B 224 2.01 -1.20 -18.05
N SER B 225 2.35 -0.80 -16.84
CA SER B 225 1.20 -0.19 -16.18
C SER B 225 1.22 1.31 -16.36
N PRO B 226 0.08 1.93 -16.70
CA PRO B 226 0.01 3.39 -16.76
C PRO B 226 0.09 4.06 -15.40
N MET B 227 0.11 3.29 -14.31
CA MET B 227 0.18 3.82 -12.96
C MET B 227 1.60 3.97 -12.45
N MET B 228 2.57 4.10 -13.35
CA MET B 228 3.94 4.40 -12.97
C MET B 228 4.61 5.14 -14.10
N GLU B 229 5.45 6.10 -13.75
CA GLU B 229 6.15 6.91 -14.73
C GLU B 229 7.60 7.10 -14.28
N GLN B 230 8.46 7.40 -15.24
CA GLN B 230 9.83 7.80 -14.94
C GLN B 230 10.20 8.92 -15.88
N LYS B 231 10.25 10.14 -15.36
CA LYS B 231 10.66 11.29 -16.16
C LYS B 231 12.08 11.71 -15.89
N ASN B 232 12.55 11.53 -14.66
CA ASN B 232 13.90 11.87 -14.27
C ASN B 232 14.77 10.62 -14.33
N GLU B 233 16.05 10.79 -14.05
CA GLU B 233 16.99 9.69 -14.00
C GLU B 233 17.42 9.46 -12.56
N LEU B 234 17.29 8.22 -12.11
CA LEU B 234 17.48 7.91 -10.69
C LEU B 234 18.97 7.90 -10.37
N GLN B 235 19.41 8.92 -9.65
CA GLN B 235 20.76 8.94 -9.11
C GLN B 235 20.71 9.24 -7.61
N LEU C 13 -16.25 -11.70 23.59
CA LEU C 13 -15.35 -11.96 24.70
C LEU C 13 -14.03 -12.51 24.19
N LYS C 14 -12.99 -12.44 25.02
CA LYS C 14 -11.69 -12.98 24.68
C LYS C 14 -10.80 -12.94 25.91
N GLN C 15 -9.75 -13.74 25.90
CA GLN C 15 -8.74 -13.70 26.94
C GLN C 15 -7.46 -14.34 26.43
N ILE C 16 -6.36 -13.61 26.51
CA ILE C 16 -5.08 -14.05 25.98
C ILE C 16 -4.07 -14.03 27.11
N THR C 17 -3.57 -15.20 27.48
CA THR C 17 -2.66 -15.35 28.61
C THR C 17 -1.32 -15.81 28.11
N ILE C 18 -0.31 -14.95 28.20
CA ILE C 18 1.08 -15.37 28.08
C ILE C 18 1.67 -15.27 29.48
N GLY C 19 2.86 -15.81 29.67
CA GLY C 19 3.46 -15.90 30.98
C GLY C 19 3.28 -14.65 31.80
N ASN C 20 2.72 -14.79 33.00
CA ASN C 20 2.73 -13.74 34.02
C ASN C 20 1.71 -12.63 33.75
N SER C 21 1.03 -12.64 32.60
CA SER C 21 0.17 -11.50 32.30
C SER C 21 -1.02 -11.95 31.48
N THR C 22 -2.14 -11.26 31.65
CA THR C 22 -3.39 -11.65 31.01
C THR C 22 -4.03 -10.44 30.36
N ILE C 23 -4.56 -10.65 29.16
CA ILE C 23 -5.30 -9.63 28.43
C ILE C 23 -6.75 -10.08 28.34
N THR C 24 -7.66 -9.18 28.64
CA THR C 24 -9.09 -9.47 28.60
C THR C 24 -9.78 -8.43 27.75
N THR C 25 -10.77 -8.86 26.97
CA THR C 25 -11.53 -7.94 26.15
C THR C 25 -12.98 -8.39 26.11
N GLN C 26 -13.88 -7.42 25.95
CA GLN C 26 -15.31 -7.71 25.87
C GLN C 26 -16.07 -7.48 24.58
N ASP C 27 -15.76 -6.41 23.84
CA ASP C 27 -16.22 -6.21 22.47
C ASP C 27 -15.00 -6.31 21.57
N SER C 28 -14.64 -7.53 21.22
CA SER C 28 -13.44 -7.82 20.48
C SER C 28 -13.78 -8.71 19.29
N LEU C 29 -12.96 -8.60 18.25
CA LEU C 29 -13.17 -9.33 17.01
C LEU C 29 -12.35 -10.61 17.00
N HIS C 30 -12.28 -11.27 15.86
CA HIS C 30 -11.46 -12.46 15.68
C HIS C 30 -10.00 -12.03 15.56
N THR C 31 -9.14 -12.70 16.31
CA THR C 31 -7.73 -12.33 16.33
C THR C 31 -7.06 -12.60 14.99
N VAL C 32 -6.45 -11.58 14.43
CA VAL C 32 -5.74 -11.71 13.16
C VAL C 32 -4.47 -12.50 13.38
N LEU C 33 -4.20 -13.44 12.50
CA LEU C 33 -2.99 -14.24 12.54
C LEU C 33 -2.19 -13.94 11.29
N ALA C 34 -1.14 -13.14 11.44
CA ALA C 34 -0.40 -12.64 10.29
C ALA C 34 0.10 -13.79 9.42
N TYR C 35 -0.41 -13.88 8.21
CA TYR C 35 0.04 -14.86 7.22
C TYR C 35 -0.20 -16.29 7.70
N GLY C 36 -1.22 -16.48 8.53
CA GLY C 36 -1.67 -17.80 8.90
C GLY C 36 -0.69 -18.64 9.68
N GLU C 37 0.43 -18.09 10.11
CA GLU C 37 1.45 -18.85 10.83
C GLU C 37 1.59 -18.34 12.25
N TRP C 38 1.61 -19.27 13.20
CA TRP C 38 1.89 -18.93 14.57
C TRP C 38 3.39 -18.79 14.78
N PRO C 39 3.82 -17.96 15.71
CA PRO C 39 5.25 -17.85 16.00
C PRO C 39 5.78 -19.17 16.50
N THR C 40 6.85 -19.64 15.89
CA THR C 40 7.46 -20.90 16.27
C THR C 40 8.94 -20.69 16.55
N TYR C 41 9.58 -21.73 17.05
CA TYR C 41 11.01 -21.71 17.31
C TYR C 41 11.78 -22.04 16.04
N LEU C 42 13.08 -21.78 16.09
CA LEU C 42 13.93 -21.97 14.92
C LEU C 42 14.28 -23.44 14.76
N SER C 43 13.74 -24.08 13.74
CA SER C 43 14.02 -25.48 13.52
C SER C 43 15.46 -25.68 13.09
N ASP C 44 16.01 -26.83 13.44
CA ASP C 44 17.39 -27.16 13.11
C ASP C 44 17.66 -27.12 11.61
N ILE C 45 16.67 -27.50 10.79
CA ILE C 45 16.85 -27.47 9.34
C ILE C 45 16.98 -26.05 8.82
N ASP C 46 16.55 -25.04 9.58
CA ASP C 46 16.60 -23.66 9.14
C ASP C 46 17.63 -22.82 9.88
N ALA C 47 18.35 -23.39 10.83
CA ALA C 47 19.29 -22.62 11.63
C ALA C 47 20.64 -22.54 10.93
N THR C 48 21.38 -21.48 11.23
CA THR C 48 22.70 -21.27 10.66
C THR C 48 23.87 -20.99 11.57
N SER C 49 23.65 -20.49 12.78
CA SER C 49 24.67 -20.42 13.80
C SER C 49 24.75 -21.75 14.53
N VAL C 50 25.85 -21.98 15.24
CA VAL C 50 26.02 -23.23 15.96
C VAL C 50 25.71 -23.11 17.43
N ASP C 51 25.83 -21.93 18.02
CA ASP C 51 25.65 -21.81 19.46
C ASP C 51 24.21 -22.11 19.85
N LYS C 52 24.04 -22.62 21.04
CA LYS C 52 22.71 -23.01 21.50
C LYS C 52 21.92 -21.77 21.88
N PRO C 53 20.71 -21.60 21.39
CA PRO C 53 19.95 -20.39 21.69
C PRO C 53 19.32 -20.45 23.06
N THR C 54 19.08 -19.28 23.63
CA THR C 54 18.46 -19.22 24.94
C THR C 54 16.97 -18.98 24.80
N HIS C 55 16.21 -19.57 25.72
CA HIS C 55 14.74 -19.48 25.71
C HIS C 55 14.29 -18.96 27.06
N PRO C 56 14.00 -17.68 27.16
CA PRO C 56 13.46 -17.17 28.42
C PRO C 56 12.11 -17.77 28.74
N GLU C 57 11.15 -17.59 27.84
CA GLU C 57 9.88 -18.30 27.80
C GLU C 57 8.86 -17.91 28.86
N THR C 58 9.26 -17.17 29.87
CA THR C 58 8.27 -16.66 30.80
C THR C 58 8.56 -15.25 31.28
N SER C 59 9.80 -14.80 31.22
CA SER C 59 10.14 -13.44 31.60
C SER C 59 10.30 -12.53 30.39
N ALA C 60 10.49 -13.10 29.21
CA ALA C 60 10.45 -12.32 27.99
C ALA C 60 9.09 -12.35 27.32
N ASP C 61 8.41 -13.49 27.33
CA ASP C 61 7.12 -13.63 26.67
C ASP C 61 6.03 -13.18 27.63
N ARG C 62 5.73 -11.89 27.61
CA ARG C 62 4.65 -11.35 28.40
C ARG C 62 4.26 -10.01 27.80
N PHE C 63 3.11 -9.50 28.23
CA PHE C 63 2.53 -8.30 27.64
C PHE C 63 3.17 -7.06 28.23
N TYR C 64 4.10 -6.47 27.50
CA TYR C 64 4.65 -5.15 27.84
C TYR C 64 3.77 -4.09 27.20
N THR C 65 3.15 -3.26 28.02
CA THR C 65 2.26 -2.23 27.51
C THR C 65 3.00 -0.91 27.45
N LEU C 66 3.23 -0.43 26.24
CA LEU C 66 3.95 0.81 26.01
C LEU C 66 3.11 1.99 26.46
N ASP C 67 3.64 3.19 26.25
CA ASP C 67 2.95 4.40 26.68
C ASP C 67 1.65 4.59 25.91
N SER C 68 0.70 5.26 26.54
CA SER C 68 -0.53 5.59 25.87
C SER C 68 -0.39 6.89 25.12
N VAL C 69 -0.98 6.94 23.93
CA VAL C 69 -0.95 8.12 23.11
C VAL C 69 -2.32 8.78 23.14
N GLU C 70 -2.39 10.04 22.73
CA GLU C 70 -3.61 10.82 22.80
C GLU C 70 -4.18 10.94 21.39
N TRP C 71 -5.35 10.37 21.17
CA TRP C 71 -6.03 10.49 19.89
C TRP C 71 -6.91 11.73 19.92
N GLN C 72 -6.49 12.78 19.25
CA GLN C 72 -7.24 14.01 19.20
C GLN C 72 -7.84 14.20 17.82
N VAL C 73 -8.48 15.34 17.63
CA VAL C 73 -8.92 15.75 16.30
C VAL C 73 -7.75 16.41 15.59
N GLY C 74 -7.21 15.73 14.59
CA GLY C 74 -6.04 16.21 13.90
C GLY C 74 -4.78 15.44 14.18
N SER C 75 -4.85 14.38 14.99
CA SER C 75 -3.72 13.48 15.13
C SER C 75 -3.60 12.64 13.89
N HIS C 76 -2.40 12.59 13.32
CA HIS C 76 -2.24 11.94 12.03
C HIS C 76 -1.82 10.48 12.14
N GLY C 77 -1.31 10.06 13.28
CA GLY C 77 -0.95 8.67 13.43
C GLY C 77 0.33 8.47 14.23
N TRP C 78 0.67 7.23 14.50
CA TRP C 78 1.86 6.90 15.27
C TRP C 78 2.42 5.60 14.75
N TRP C 79 3.74 5.48 14.74
CA TRP C 79 4.34 4.21 14.35
C TRP C 79 5.40 3.80 15.36
N TRP C 80 5.38 2.53 15.73
CA TRP C 80 6.32 1.94 16.67
C TRP C 80 7.16 0.94 15.91
N LYS C 81 8.48 1.04 16.00
CA LYS C 81 9.33 0.02 15.41
C LYS C 81 9.56 -1.11 16.40
N LEU C 82 9.52 -2.33 15.89
CA LEU C 82 9.75 -3.50 16.72
C LEU C 82 10.93 -4.29 16.18
N PRO C 83 11.73 -4.92 17.05
CA PRO C 83 11.59 -4.98 18.50
C PRO C 83 12.18 -3.78 19.20
N ASP C 84 12.39 -2.69 18.48
CA ASP C 84 13.04 -1.54 19.10
C ASP C 84 12.19 -0.94 20.21
N ALA C 85 10.87 -1.09 20.14
CA ALA C 85 10.02 -0.49 21.17
C ALA C 85 10.24 -1.15 22.52
N LEU C 86 10.62 -2.43 22.53
CA LEU C 86 10.79 -3.19 23.76
C LEU C 86 12.23 -3.23 24.23
N LYS C 87 13.10 -2.39 23.69
CA LYS C 87 14.51 -2.53 23.97
C LYS C 87 14.84 -2.28 25.44
N ASP C 88 13.97 -1.60 26.17
CA ASP C 88 14.17 -1.38 27.59
C ASP C 88 13.00 -1.90 28.42
N MET C 89 12.30 -2.91 27.92
CA MET C 89 11.17 -3.50 28.61
C MET C 89 11.63 -4.82 29.22
N GLY C 90 12.13 -4.76 30.45
CA GLY C 90 12.37 -5.98 31.17
C GLY C 90 13.46 -6.85 30.57
N VAL C 91 13.39 -8.14 30.92
CA VAL C 91 14.44 -9.05 30.48
C VAL C 91 14.40 -9.28 28.99
N PHE C 92 13.32 -8.94 28.31
CA PHE C 92 13.37 -8.97 26.85
C PHE C 92 14.36 -7.94 26.33
N GLY C 93 14.28 -6.72 26.83
CA GLY C 93 15.27 -5.73 26.45
C GLY C 93 16.66 -6.13 26.88
N GLN C 94 16.77 -6.68 28.09
CA GLN C 94 18.09 -7.07 28.57
C GLN C 94 18.70 -8.16 27.69
N ASN C 95 17.88 -9.06 27.16
CA ASN C 95 18.41 -10.05 26.24
C ASN C 95 18.70 -9.45 24.88
N MET C 96 17.91 -8.47 24.46
CA MET C 96 18.22 -7.80 23.20
C MET C 96 19.60 -7.18 23.25
N TYR C 97 19.98 -6.62 24.38
CA TYR C 97 21.26 -5.94 24.47
C TYR C 97 22.42 -6.88 24.74
N TYR C 98 22.18 -8.07 25.26
CA TYR C 98 23.27 -8.95 25.66
C TYR C 98 23.52 -10.09 24.69
N HIS C 99 22.74 -10.18 23.61
CA HIS C 99 22.90 -11.26 22.65
C HIS C 99 23.12 -10.70 21.26
N SER C 100 24.02 -11.34 20.52
CA SER C 100 24.37 -10.88 19.19
C SER C 100 23.18 -10.93 18.24
N MET C 101 22.32 -11.92 18.38
CA MET C 101 21.23 -12.15 17.44
C MET C 101 19.96 -12.43 18.23
N GLY C 102 18.86 -12.60 17.51
CA GLY C 102 17.62 -12.96 18.15
C GLY C 102 16.48 -12.95 17.17
N ARG C 103 15.48 -13.78 17.45
CA ARG C 103 14.24 -13.79 16.70
C ARG C 103 13.10 -13.89 17.68
N SER C 104 11.93 -13.40 17.29
CA SER C 104 10.80 -13.43 18.18
C SER C 104 9.56 -13.11 17.35
N GLY C 105 8.49 -13.81 17.61
CA GLY C 105 7.19 -13.37 17.17
C GLY C 105 6.55 -12.49 18.22
N PHE C 106 5.51 -11.78 17.82
CA PHE C 106 4.85 -10.84 18.72
C PHE C 106 3.36 -11.08 18.72
N ILE C 107 2.70 -10.59 19.77
CA ILE C 107 1.26 -10.59 19.88
C ILE C 107 0.84 -9.17 20.19
N ILE C 108 0.55 -8.39 19.15
CA ILE C 108 0.30 -6.96 19.29
C ILE C 108 -1.17 -6.76 19.62
N HIS C 109 -1.45 -6.08 20.72
CA HIS C 109 -2.80 -5.80 21.16
C HIS C 109 -3.00 -4.30 21.27
N THR C 110 -3.98 -3.77 20.54
CA THR C 110 -4.28 -2.35 20.55
C THR C 110 -5.58 -2.13 21.30
N GLN C 111 -5.65 -1.06 22.08
CA GLN C 111 -6.79 -0.79 22.93
C GLN C 111 -7.19 0.67 22.78
N CYS C 112 -8.45 0.91 22.41
CA CYS C 112 -8.97 2.27 22.33
C CYS C 112 -10.46 2.02 22.52
N ASN C 113 -11.04 2.67 23.51
CA ASN C 113 -12.49 2.65 23.75
C ASN C 113 -12.95 4.05 24.09
N ALA C 114 -14.02 4.51 23.44
CA ALA C 114 -14.54 5.84 23.77
C ALA C 114 -15.95 5.79 24.34
N THR C 115 -16.97 5.49 23.53
CA THR C 115 -18.36 5.58 23.97
C THR C 115 -19.30 5.17 22.86
N LYS C 116 -20.59 5.23 23.15
CA LYS C 116 -21.61 5.14 22.11
C LYS C 116 -22.01 6.49 21.57
N PHE C 117 -21.25 7.54 21.85
CA PHE C 117 -21.47 8.84 21.21
C PHE C 117 -20.31 9.25 20.33
N HIS C 118 -19.15 8.63 20.50
CA HIS C 118 -17.97 8.95 19.71
C HIS C 118 -17.97 8.18 18.41
N SER C 119 -17.21 8.69 17.45
CA SER C 119 -17.13 8.08 16.13
C SER C 119 -15.69 8.17 15.64
N GLY C 120 -15.37 7.34 14.66
CA GLY C 120 -14.04 7.36 14.10
C GLY C 120 -13.52 5.97 13.83
N ALA C 121 -12.31 5.87 13.30
CA ALA C 121 -11.74 4.57 12.99
C ALA C 121 -10.23 4.70 12.93
N LEU C 122 -9.56 3.58 13.19
CA LEU C 122 -8.10 3.49 13.13
C LEU C 122 -7.77 2.30 12.27
N ILE C 123 -6.86 2.46 11.32
CA ILE C 123 -6.32 1.33 10.60
C ILE C 123 -5.03 0.91 11.27
N VAL C 124 -5.07 -0.20 12.01
CA VAL C 124 -3.94 -0.71 12.77
C VAL C 124 -3.28 -1.78 11.94
N ALA C 125 -2.10 -1.50 11.40
CA ALA C 125 -1.40 -2.42 10.51
C ALA C 125 -0.06 -2.80 11.11
N VAL C 126 0.58 -3.79 10.50
CA VAL C 126 1.86 -4.30 10.95
C VAL C 126 2.71 -4.48 9.70
N ILE C 127 3.64 -3.58 9.45
CA ILE C 127 4.40 -3.55 8.20
C ILE C 127 5.74 -4.22 8.45
N PRO C 128 6.07 -5.30 7.73
CA PRO C 128 7.43 -5.83 7.79
C PRO C 128 8.35 -4.99 6.92
N GLU C 129 9.51 -4.62 7.46
CA GLU C 129 10.47 -3.80 6.76
C GLU C 129 9.82 -2.50 6.27
N HIS C 130 9.39 -1.69 7.24
CA HIS C 130 8.80 -0.39 6.91
C HIS C 130 9.95 0.59 6.72
N GLN C 131 10.62 0.47 5.58
CA GLN C 131 11.74 1.35 5.27
C GLN C 131 11.20 2.75 5.06
N LEU C 132 11.47 3.63 6.02
CA LEU C 132 10.88 4.97 6.00
C LEU C 132 11.56 5.86 4.98
N ALA C 133 10.79 6.75 4.39
CA ALA C 133 11.31 7.72 3.45
C ALA C 133 11.89 8.91 4.17
N TYR C 134 12.87 9.54 3.55
CA TYR C 134 13.44 10.76 4.08
C TYR C 134 12.44 11.90 3.97
N VAL C 135 12.53 12.86 4.89
CA VAL C 135 11.56 13.93 4.95
C VAL C 135 11.65 14.86 3.76
N GLY C 136 12.61 14.65 2.86
CA GLY C 136 12.49 15.28 1.57
C GLY C 136 13.73 15.95 1.03
N GLY C 137 13.90 15.85 -0.29
CA GLY C 137 14.91 16.63 -0.97
C GLY C 137 16.10 15.81 -1.43
N VAL C 138 17.26 16.09 -0.83
CA VAL C 138 18.50 15.45 -1.20
C VAL C 138 18.48 14.00 -0.76
N LYS C 139 19.39 13.19 -1.33
CA LYS C 139 19.50 11.78 -0.94
C LYS C 139 20.26 11.71 0.37
N VAL C 140 19.52 11.42 1.44
CA VAL C 140 20.10 11.32 2.77
C VAL C 140 19.43 10.15 3.50
N ASN C 141 20.24 9.28 4.08
CA ASN C 141 19.69 8.20 4.89
C ASN C 141 19.04 8.78 6.13
N VAL C 142 17.87 8.24 6.49
CA VAL C 142 17.20 8.71 7.69
C VAL C 142 18.07 8.39 8.90
N GLY C 143 18.04 9.29 9.88
CA GLY C 143 18.91 9.14 11.02
C GLY C 143 18.62 7.87 11.81
N TYR C 144 19.63 7.39 12.52
CA TYR C 144 19.44 6.23 13.36
C TYR C 144 18.55 6.56 14.54
N ASP C 145 18.69 7.76 15.09
CA ASP C 145 17.93 8.12 16.27
C ASP C 145 16.45 8.24 16.01
N HIS C 146 16.05 8.37 14.75
CA HIS C 146 14.65 8.61 14.45
C HIS C 146 13.89 7.34 14.11
N THR C 147 14.50 6.42 13.38
CA THR C 147 13.87 5.13 13.14
C THR C 147 14.06 4.17 14.31
N HIS C 148 14.65 4.63 15.40
CA HIS C 148 14.76 3.87 16.64
C HIS C 148 14.35 4.76 17.79
N PRO C 149 13.08 5.14 17.86
CA PRO C 149 12.62 6.05 18.92
C PRO C 149 12.36 5.37 20.25
N GLY C 150 12.36 4.05 20.30
CA GLY C 150 12.10 3.37 21.55
C GLY C 150 10.63 3.09 21.74
N GLN C 151 10.22 2.97 23.01
CA GLN C 151 8.82 2.72 23.32
C GLN C 151 7.96 3.96 23.20
N SER C 152 8.55 5.14 23.23
CA SER C 152 7.77 6.37 23.15
C SER C 152 6.99 6.48 21.85
N GLY C 153 7.29 5.63 20.88
CA GLY C 153 6.61 5.72 19.61
C GLY C 153 7.15 6.87 18.80
N HIS C 154 6.35 7.32 17.84
CA HIS C 154 6.70 8.47 17.02
C HIS C 154 5.35 9.01 16.57
N GLN C 155 5.06 10.25 16.92
CA GLN C 155 3.88 10.92 16.37
C GLN C 155 4.17 11.35 14.94
N ILE C 156 3.18 11.23 14.07
CA ILE C 156 3.45 11.37 12.64
C ILE C 156 3.53 12.82 12.22
N ARG C 157 2.77 13.71 12.85
CA ARG C 157 2.86 15.16 12.66
C ARG C 157 2.37 15.63 11.31
N GLY C 158 1.99 14.74 10.41
CA GLY C 158 1.33 15.14 9.19
C GLY C 158 2.24 15.82 8.19
N PRO C 159 1.79 15.89 6.94
CA PRO C 159 2.62 16.44 5.88
C PRO C 159 2.57 17.96 5.86
N SER C 160 3.67 18.55 5.43
CA SER C 160 3.77 20.00 5.31
C SER C 160 5.08 20.34 4.63
N GLN C 161 5.19 21.59 4.19
CA GLN C 161 6.43 22.08 3.63
C GLN C 161 7.36 22.64 4.69
N SER C 162 6.91 22.75 5.93
CA SER C 162 7.69 23.38 7.00
C SER C 162 8.27 22.36 7.98
N ASN C 163 8.06 21.07 7.73
CA ASN C 163 8.70 20.06 8.56
C ASN C 163 10.21 20.20 8.46
N ASP C 164 10.89 19.96 9.58
CA ASP C 164 12.34 20.06 9.62
C ASP C 164 12.95 19.06 8.66
N ARG C 165 14.11 19.39 8.12
CA ARG C 165 14.78 18.56 7.12
C ARG C 165 16.16 18.11 7.57
N SER C 166 16.55 18.41 8.79
CA SER C 166 17.92 18.20 9.24
C SER C 166 18.03 16.85 9.91
N GLY C 167 19.16 16.19 9.73
CA GLY C 167 19.45 14.98 10.46
C GLY C 167 18.68 13.77 10.02
N GLY C 168 18.22 13.73 8.78
CA GLY C 168 17.52 12.57 8.28
C GLY C 168 16.22 12.29 8.98
N LYS C 169 15.41 13.32 9.20
CA LYS C 169 14.08 13.09 9.74
C LYS C 169 13.29 12.20 8.80
N PRO C 170 12.52 11.26 9.33
CA PRO C 170 11.71 10.40 8.46
C PRO C 170 10.52 11.15 7.91
N ASP C 171 9.85 10.52 6.95
CA ASP C 171 8.72 11.15 6.28
C ASP C 171 7.53 11.24 7.21
N GLU C 172 6.78 12.33 7.10
CA GLU C 172 5.70 12.62 8.02
C GLU C 172 4.34 12.64 7.35
N ASP C 173 4.21 12.10 6.14
CA ASP C 173 2.92 12.10 5.47
C ASP C 173 2.24 10.77 5.70
N PRO C 174 1.14 10.71 6.45
CA PRO C 174 0.50 9.43 6.74
C PRO C 174 -0.26 8.85 5.57
N LEU C 175 -0.59 9.65 4.56
CA LEU C 175 -1.31 9.10 3.41
C LEU C 175 -0.40 8.20 2.59
N PHE C 176 0.85 8.61 2.41
CA PHE C 176 1.79 7.81 1.66
C PHE C 176 2.55 6.84 2.55
N ASN C 177 1.94 6.41 3.65
CA ASN C 177 2.51 5.41 4.54
C ASN C 177 3.89 5.80 5.04
N CYS C 178 4.26 7.07 4.88
CA CYS C 178 5.59 7.56 5.24
C CYS C 178 6.68 6.85 4.45
N ASN C 179 6.32 6.06 3.44
CA ASN C 179 7.34 5.40 2.63
C ASN C 179 7.15 5.52 1.13
N GLY C 180 6.10 6.17 0.66
CA GLY C 180 5.88 6.31 -0.76
C GLY C 180 4.75 5.48 -1.32
N THR C 181 4.21 4.54 -0.56
CA THR C 181 3.10 3.71 -1.01
C THR C 181 1.80 4.27 -0.44
N LEU C 182 0.73 4.17 -1.22
CA LEU C 182 -0.53 4.76 -0.82
C LEU C 182 -1.10 4.06 0.40
N LEU C 183 -1.69 4.83 1.30
CA LEU C 183 -2.55 4.25 2.32
C LEU C 183 -3.77 3.63 1.65
N GLY C 184 -4.46 2.77 2.37
CA GLY C 184 -5.58 2.07 1.80
C GLY C 184 -5.16 0.83 1.04
N ASN C 185 -4.00 0.85 0.42
CA ASN C 185 -3.38 -0.42 0.06
C ASN C 185 -2.63 -1.04 1.22
N ILE C 186 -2.59 -0.35 2.37
CA ILE C 186 -1.95 -0.92 3.54
C ILE C 186 -2.65 -2.17 4.03
N THR C 187 -3.88 -2.41 3.59
CA THR C 187 -4.62 -3.57 4.03
C THR C 187 -4.05 -4.88 3.51
N ILE C 188 -3.03 -4.83 2.65
CA ILE C 188 -2.36 -6.06 2.25
C ILE C 188 -1.49 -6.59 3.37
N PHE C 189 -1.13 -5.76 4.30
CA PHE C 189 -0.40 -6.16 5.48
C PHE C 189 -1.34 -6.70 6.54
N PRO C 190 -0.86 -7.54 7.44
CA PRO C 190 -1.71 -8.01 8.52
C PRO C 190 -2.23 -6.82 9.31
N HIS C 191 -3.53 -6.59 9.27
CA HIS C 191 -4.08 -5.36 9.82
C HIS C 191 -5.42 -5.62 10.47
N GLN C 192 -5.98 -4.56 11.02
CA GLN C 192 -7.32 -4.56 11.55
C GLN C 192 -7.76 -3.12 11.71
N ILE C 193 -9.05 -2.94 11.97
CA ILE C 193 -9.63 -1.61 12.09
C ILE C 193 -10.35 -1.52 13.42
N ILE C 194 -10.09 -0.45 14.16
CA ILE C 194 -10.80 -0.17 15.40
C ILE C 194 -11.87 0.86 15.05
N ASN C 195 -13.08 0.36 14.80
CA ASN C 195 -14.23 1.22 14.56
C ASN C 195 -14.96 1.41 15.87
N LEU C 196 -14.90 2.63 16.41
CA LEU C 196 -15.48 2.90 17.72
C LEU C 196 -16.96 2.62 17.78
N ARG C 197 -17.58 2.38 16.63
CA ARG C 197 -18.97 1.97 16.62
C ARG C 197 -19.14 0.52 17.02
N THR C 198 -18.26 -0.37 16.52
CA THR C 198 -18.41 -1.80 16.73
C THR C 198 -17.46 -2.50 17.70
N ASN C 199 -16.17 -2.20 17.63
CA ASN C 199 -15.20 -2.79 18.55
C ASN C 199 -14.34 -1.71 19.19
N ASN C 200 -13.60 -2.10 20.22
CA ASN C 200 -12.78 -1.17 20.96
C ASN C 200 -11.35 -1.67 21.14
N SER C 201 -10.97 -2.76 20.46
CA SER C 201 -9.62 -3.27 20.56
C SER C 201 -9.29 -4.00 19.28
N SER C 202 -8.06 -4.48 19.19
CA SER C 202 -7.62 -5.17 17.98
C SER C 202 -6.48 -6.02 18.51
N THR C 203 -6.44 -7.29 18.12
CA THR C 203 -5.33 -8.18 18.41
C THR C 203 -4.74 -8.71 17.11
N ILE C 204 -3.42 -8.78 17.03
CA ILE C 204 -2.71 -9.27 15.86
C ILE C 204 -1.56 -10.14 16.33
N VAL C 205 -1.49 -11.36 15.84
CA VAL C 205 -0.37 -12.25 16.10
C VAL C 205 0.52 -12.26 14.87
N VAL C 206 1.82 -12.00 15.06
CA VAL C 206 2.77 -11.90 13.97
C VAL C 206 3.92 -12.85 14.24
N PRO C 207 4.27 -13.73 13.33
CA PRO C 207 5.45 -14.56 13.49
C PRO C 207 6.70 -13.76 13.19
N TYR C 208 7.84 -14.43 13.24
CA TYR C 208 9.10 -13.80 12.87
C TYR C 208 9.21 -13.79 11.36
N ILE C 209 9.03 -12.63 10.75
CA ILE C 209 9.07 -12.48 9.30
C ILE C 209 10.38 -11.83 8.94
N ASN C 210 11.32 -12.64 8.44
CA ASN C 210 12.62 -12.14 8.01
C ASN C 210 13.27 -13.23 7.20
N CYS C 211 14.07 -12.82 6.22
CA CYS C 211 14.65 -13.76 5.26
C CYS C 211 15.88 -14.45 5.80
N VAL C 212 16.11 -14.40 7.10
CA VAL C 212 17.32 -14.94 7.71
C VAL C 212 16.91 -15.43 9.09
N PRO C 213 17.51 -16.50 9.62
CA PRO C 213 16.96 -17.09 10.85
C PRO C 213 16.98 -16.15 12.04
N MET C 214 18.10 -15.49 12.29
CA MET C 214 18.20 -14.53 13.38
C MET C 214 19.04 -13.36 12.89
N ASP C 215 18.75 -12.18 13.39
CA ASP C 215 19.60 -11.03 13.09
C ASP C 215 19.60 -10.10 14.29
N ASN C 216 20.53 -9.14 14.28
CA ASN C 216 20.75 -8.31 15.45
C ASN C 216 19.50 -7.55 15.81
N MET C 217 19.13 -7.60 17.09
CA MET C 217 17.88 -6.99 17.53
C MET C 217 17.96 -5.47 17.57
N LEU C 218 19.14 -4.89 17.45
CA LEU C 218 19.25 -3.44 17.57
C LEU C 218 19.44 -2.76 16.22
N LYS C 219 20.22 -3.34 15.33
CA LYS C 219 20.45 -2.70 14.04
C LYS C 219 19.22 -2.79 13.15
N HIS C 220 18.45 -3.87 13.27
CA HIS C 220 17.39 -4.18 12.33
C HIS C 220 16.05 -4.29 13.05
N ASN C 221 15.04 -3.62 12.52
CA ASN C 221 13.66 -3.73 13.02
C ASN C 221 12.82 -4.44 11.98
N ASN C 222 12.42 -5.68 12.28
CA ASN C 222 11.67 -6.45 11.31
C ASN C 222 10.28 -5.86 11.09
N LEU C 223 9.51 -5.71 12.14
CA LEU C 223 8.14 -5.22 12.04
C LEU C 223 8.09 -3.72 12.25
N SER C 224 6.89 -3.17 12.09
CA SER C 224 6.64 -1.77 12.39
C SER C 224 5.16 -1.84 12.65
N LEU C 225 4.73 -1.31 13.78
CA LEU C 225 3.31 -1.14 14.09
C LEU C 225 2.90 0.27 13.73
N VAL C 226 1.85 0.41 12.91
CA VAL C 226 1.42 1.70 12.41
C VAL C 226 -0.06 1.85 12.68
N ILE C 227 -0.43 2.91 13.39
CA ILE C 227 -1.81 3.21 13.73
C ILE C 227 -2.16 4.56 13.13
N ILE C 228 -3.12 4.58 12.21
CA ILE C 228 -3.48 5.79 11.48
C ILE C 228 -4.95 6.09 11.73
N PRO C 229 -5.29 7.31 12.10
CA PRO C 229 -6.70 7.67 12.23
C PRO C 229 -7.36 7.85 10.88
N LEU C 230 -7.85 6.73 10.34
CA LEU C 230 -8.51 6.73 9.04
C LEU C 230 -9.63 7.76 8.98
N VAL C 231 -10.48 7.80 10.00
CA VAL C 231 -11.58 8.77 10.10
C VAL C 231 -11.44 9.51 11.42
N PRO C 232 -11.58 10.83 11.43
CA PRO C 232 -11.31 11.58 12.67
C PRO C 232 -12.27 11.19 13.78
N LEU C 233 -11.97 11.70 14.97
CA LEU C 233 -12.69 11.34 16.19
C LEU C 233 -13.70 12.43 16.51
N ARG C 234 -14.96 12.17 16.21
CA ARG C 234 -15.99 13.13 16.54
C ARG C 234 -16.41 12.93 17.99
N PRO C 235 -16.51 14.00 18.78
CA PRO C 235 -16.95 13.84 20.17
C PRO C 235 -18.44 13.62 20.32
N GLY C 236 -19.25 13.99 19.32
CA GLY C 236 -20.68 13.86 19.44
C GLY C 236 -21.25 14.74 20.54
N SER C 237 -22.22 14.22 21.27
CA SER C 237 -22.83 14.96 22.38
C SER C 237 -22.17 15.11 23.74
N SER C 238 -20.87 14.82 23.78
CA SER C 238 -20.13 14.59 25.01
C SER C 238 -18.87 15.44 24.96
N GLY C 239 -18.55 16.09 26.06
CA GLY C 239 -17.46 17.02 26.08
C GLY C 239 -16.08 16.42 26.02
N ILE C 240 -15.98 15.17 25.56
CA ILE C 240 -14.72 14.44 25.54
C ILE C 240 -14.20 14.45 24.11
N ASN C 241 -13.14 15.23 23.88
CA ASN C 241 -12.61 15.43 22.53
C ASN C 241 -11.41 14.57 22.20
N SER C 242 -10.95 13.73 23.13
CA SER C 242 -9.78 12.92 22.86
C SER C 242 -9.86 11.64 23.67
N VAL C 243 -9.27 10.58 23.14
CA VAL C 243 -9.29 9.28 23.79
C VAL C 243 -7.89 8.71 23.78
N PRO C 244 -7.43 8.10 24.86
CA PRO C 244 -6.09 7.49 24.85
C PRO C 244 -6.10 6.16 24.13
N ILE C 245 -5.05 5.92 23.38
CA ILE C 245 -4.81 4.65 22.70
C ILE C 245 -3.63 4.00 23.38
N THR C 246 -3.75 2.71 23.68
CA THR C 246 -2.69 1.99 24.34
C THR C 246 -2.29 0.79 23.51
N VAL C 247 -0.99 0.54 23.42
CA VAL C 247 -0.45 -0.56 22.64
C VAL C 247 0.24 -1.53 23.57
N THR C 248 -0.25 -2.76 23.64
CA THR C 248 0.24 -3.77 24.55
C THR C 248 0.86 -4.89 23.73
N ILE C 249 2.19 -4.90 23.62
CA ILE C 249 2.90 -5.85 22.78
C ILE C 249 3.47 -6.94 23.67
N ALA C 250 3.53 -8.15 23.15
CA ALA C 250 4.05 -9.26 23.90
C ALA C 250 4.89 -10.17 23.01
N PRO C 251 6.19 -10.29 23.25
CA PRO C 251 6.98 -11.26 22.50
C PRO C 251 6.46 -12.65 22.74
N TYR C 252 6.69 -13.54 21.78
CA TYR C 252 6.17 -14.89 21.90
C TYR C 252 7.04 -15.81 21.07
N LYS C 253 7.50 -16.89 21.69
CA LYS C 253 8.45 -17.80 21.06
C LYS C 253 9.73 -17.05 20.68
N SER C 254 10.23 -16.25 21.60
CA SER C 254 11.45 -15.50 21.39
C SER C 254 12.65 -16.36 21.74
N GLU C 255 13.71 -16.25 20.95
CA GLU C 255 14.96 -16.91 21.29
C GLU C 255 16.13 -16.09 20.77
N PHE C 256 17.16 -15.99 21.60
CA PHE C 256 18.36 -15.23 21.30
C PHE C 256 19.55 -16.16 21.30
N SER C 257 20.62 -15.74 20.65
CA SER C 257 21.84 -16.53 20.62
C SER C 257 23.04 -15.62 20.51
N GLY C 258 24.21 -16.21 20.65
CA GLY C 258 25.44 -15.44 20.54
C GLY C 258 25.58 -14.43 21.66
N ALA C 259 25.80 -14.90 22.88
CA ALA C 259 25.92 -14.01 24.01
C ALA C 259 27.18 -13.15 23.87
N MET C 260 27.15 -11.98 24.49
CA MET C 260 28.28 -11.07 24.46
C MET C 260 28.00 -9.95 25.45
N GLU C 261 28.89 -8.98 25.49
CA GLU C 261 28.70 -7.86 26.41
C GLU C 261 27.50 -7.04 25.97
N ALA C 262 27.00 -6.23 26.89
CA ALA C 262 25.88 -5.36 26.57
C ALA C 262 26.25 -4.42 25.43
N GLN C 263 25.38 -4.36 24.43
CA GLN C 263 25.60 -3.50 23.28
C GLN C 263 25.17 -2.07 23.54
N ARG C 264 25.07 -1.68 24.81
CA ARG C 264 24.92 -0.30 25.20
C ARG C 264 26.29 0.36 25.12
N GLN C 265 26.41 1.56 25.66
CA GLN C 265 27.69 2.25 25.70
C GLN C 265 27.96 2.79 27.10
N ASN D 28 11.74 -32.94 -21.77
CA ASN D 28 12.26 -32.00 -20.78
C ASN D 28 13.75 -32.17 -20.58
N ILE D 29 14.52 -31.65 -21.53
CA ILE D 29 15.97 -31.80 -21.51
C ILE D 29 16.58 -30.54 -20.92
N ASN D 30 17.64 -30.71 -20.14
CA ASN D 30 18.42 -29.61 -19.61
C ASN D 30 19.79 -29.68 -20.28
N TYR D 31 20.03 -28.75 -21.21
CA TYR D 31 21.21 -28.86 -22.07
C TYR D 31 22.50 -28.48 -21.37
N TYR D 32 22.45 -27.72 -20.28
CA TYR D 32 23.65 -27.28 -19.62
C TYR D 32 23.98 -28.08 -18.38
N LYS D 33 23.24 -29.15 -18.09
CA LYS D 33 23.54 -30.06 -17.00
C LYS D 33 23.72 -29.30 -15.68
N ASP D 34 22.75 -28.43 -15.40
CA ASP D 34 22.78 -27.60 -14.21
C ASP D 34 21.36 -27.17 -13.91
N SER D 35 21.09 -26.93 -12.63
CA SER D 35 19.74 -26.52 -12.24
C SER D 35 19.49 -25.04 -12.50
N ALA D 36 20.45 -24.19 -12.19
CA ALA D 36 20.26 -22.77 -12.37
C ALA D 36 20.17 -22.37 -13.83
N SER D 37 20.48 -23.27 -14.75
CA SER D 37 20.43 -22.95 -16.17
C SER D 37 19.08 -23.25 -16.79
N SER D 38 18.14 -23.79 -16.06
CA SER D 38 16.86 -24.17 -16.65
C SER D 38 16.10 -22.93 -17.08
N GLY D 39 14.97 -23.15 -17.73
CA GLY D 39 14.09 -22.07 -18.12
C GLY D 39 13.19 -21.66 -16.97
N LEU D 40 12.05 -21.08 -17.32
CA LEU D 40 11.10 -20.68 -16.29
C LEU D 40 10.49 -21.91 -15.63
N SER D 41 10.39 -21.86 -14.31
CA SER D 41 9.77 -22.92 -13.53
C SER D 41 8.29 -22.69 -13.40
N ARG D 42 7.61 -23.44 -12.54
CA ARG D 42 6.17 -23.27 -12.36
C ARG D 42 5.78 -23.18 -10.90
N ASP D 48 -3.00 -21.37 -2.71
CA ASP D 48 -3.84 -21.09 -1.54
C ASP D 48 -3.81 -19.63 -1.16
N PRO D 49 -4.92 -18.92 -1.43
CA PRO D 49 -4.94 -17.47 -1.21
C PRO D 49 -5.41 -17.07 0.17
N SER D 50 -5.57 -18.01 1.10
CA SER D 50 -6.12 -17.69 2.40
C SER D 50 -5.09 -17.16 3.38
N LYS D 51 -3.79 -17.22 3.06
CA LYS D 51 -2.81 -16.58 3.93
C LYS D 51 -3.12 -15.10 4.07
N PHE D 52 -3.61 -14.49 3.01
CA PHE D 52 -4.24 -13.20 3.02
C PHE D 52 -5.73 -13.42 2.84
N THR D 53 -6.50 -12.33 2.96
CA THR D 53 -7.95 -12.36 2.77
C THR D 53 -8.65 -13.16 3.86
N GLN D 54 -7.90 -13.87 4.70
CA GLN D 54 -8.48 -14.57 5.85
C GLN D 54 -7.14 -14.89 6.50
N PRO D 55 -6.65 -14.06 7.39
CA PRO D 55 -5.60 -14.42 8.35
C PRO D 55 -6.11 -14.44 9.78
N LEU D 56 -7.17 -15.20 10.03
CA LEU D 56 -7.78 -15.23 11.34
C LEU D 56 -7.35 -16.48 12.08
N VAL D 57 -7.59 -16.49 13.39
CA VAL D 57 -7.23 -17.63 14.21
C VAL D 57 -8.24 -18.74 14.02
N LEU E 12 -29.09 21.59 -9.01
CA LEU E 12 -27.90 22.12 -8.36
C LEU E 12 -26.94 21.02 -7.95
N HIS E 13 -25.66 21.38 -7.86
CA HIS E 13 -24.62 20.51 -7.34
C HIS E 13 -23.58 21.38 -6.65
N LEU E 14 -23.39 21.14 -5.36
CA LEU E 14 -22.38 21.87 -4.59
C LEU E 14 -21.02 21.31 -4.96
N ILE E 15 -20.24 22.07 -5.71
CA ILE E 15 -18.95 21.60 -6.19
C ILE E 15 -17.94 21.64 -5.07
N LEU E 16 -17.16 20.56 -4.93
CA LEU E 16 -16.07 20.46 -3.98
C LEU E 16 -16.54 20.54 -2.53
N LEU E 17 -17.74 20.03 -2.24
CA LEU E 17 -18.12 20.23 -0.85
C LEU E 17 -18.91 18.94 -0.56
N PRO E 18 -18.28 17.80 -0.49
CA PRO E 18 -17.98 16.86 0.62
C PRO E 18 -16.52 17.02 0.94
N ALA E 19 -16.15 17.60 2.08
CA ALA E 19 -14.76 18.00 2.22
C ALA E 19 -14.46 18.34 3.68
N THR E 20 -13.17 18.52 3.95
CA THR E 20 -12.66 18.75 5.29
C THR E 20 -11.90 20.06 5.33
N GLY E 21 -12.17 20.89 6.33
CA GLY E 21 -11.49 22.15 6.50
C GLY E 21 -10.45 22.09 7.61
N ASN E 22 -9.74 23.20 7.76
CA ASN E 22 -8.70 23.34 8.77
C ASN E 22 -8.57 24.79 9.18
N VAL E 23 -8.87 25.07 10.45
CA VAL E 23 -8.72 26.41 11.02
C VAL E 23 -7.71 26.33 12.14
N ALA E 24 -6.90 27.38 12.27
CA ALA E 24 -5.96 27.43 13.38
C ALA E 24 -6.68 27.80 14.67
N GLU E 25 -6.09 27.41 15.79
CA GLU E 25 -6.71 27.62 17.09
C GLU E 25 -6.92 29.11 17.36
N ASN E 26 -5.85 29.90 17.37
CA ASN E 26 -5.96 31.32 17.66
C ASN E 26 -6.04 31.79 16.21
N SER E 27 -7.23 31.71 15.64
CA SER E 27 -7.50 32.32 14.35
C SER E 27 -8.28 33.63 14.50
N PRO E 28 -7.88 34.67 13.80
CA PRO E 28 -8.61 35.94 13.84
C PRO E 28 -9.95 35.83 13.13
N PRO E 29 -10.87 36.75 13.39
CA PRO E 29 -12.17 36.73 12.68
C PRO E 29 -12.03 37.08 11.22
N GLY E 30 -12.46 36.17 10.34
CA GLY E 30 -12.44 36.45 8.92
C GLY E 30 -11.54 35.51 8.14
N THR E 31 -10.78 34.69 8.84
CA THR E 31 -9.87 33.79 8.16
C THR E 31 -10.66 32.67 7.48
N SER E 32 -10.09 32.18 6.38
CA SER E 32 -10.77 31.23 5.51
C SER E 32 -10.69 29.81 6.08
N VAL E 33 -11.59 28.96 5.60
CA VAL E 33 -11.57 27.54 5.97
C VAL E 33 -11.53 26.71 4.70
N HIS E 34 -12.42 27.02 3.75
CA HIS E 34 -12.53 26.25 2.54
C HIS E 34 -13.10 27.12 1.44
N LYS E 35 -12.93 26.67 0.20
CA LYS E 35 -13.46 27.35 -0.98
C LYS E 35 -14.26 26.37 -1.82
N PHE E 36 -15.56 26.61 -1.93
CA PHE E 36 -16.41 25.75 -2.74
C PHE E 36 -17.15 26.58 -3.77
N SER E 37 -17.77 25.89 -4.72
CA SER E 37 -18.51 26.53 -5.79
C SER E 37 -19.81 25.75 -5.98
N VAL E 38 -20.57 26.13 -7.01
CA VAL E 38 -21.91 25.60 -7.23
C VAL E 38 -22.20 25.54 -8.72
N LYS E 39 -22.66 24.38 -9.19
CA LYS E 39 -23.17 24.23 -10.56
C LYS E 39 -24.67 24.46 -10.56
N LEU E 40 -25.15 25.15 -11.59
CA LEU E 40 -26.51 25.70 -11.60
C LEU E 40 -27.51 24.83 -12.36
N SER E 41 -27.25 23.53 -12.50
CA SER E 41 -28.18 22.56 -13.07
C SER E 41 -28.46 22.81 -14.54
N ALA E 42 -27.52 23.37 -15.27
CA ALA E 42 -27.53 23.47 -16.73
C ALA E 42 -28.82 24.08 -17.26
N SER E 43 -29.56 24.82 -16.44
CA SER E 43 -30.58 25.75 -16.89
C SER E 43 -30.26 27.18 -16.48
N LEU E 44 -29.18 27.39 -15.75
CA LEU E 44 -28.64 28.72 -15.43
C LEU E 44 -29.61 29.56 -14.61
N SER E 45 -30.33 28.92 -13.70
CA SER E 45 -31.10 29.65 -12.70
C SER E 45 -30.16 30.07 -11.58
N PRO E 46 -29.97 31.36 -11.34
CA PRO E 46 -29.02 31.79 -10.32
C PRO E 46 -29.46 31.38 -8.91
N VAL E 47 -28.58 31.62 -7.96
CA VAL E 47 -28.84 31.27 -6.57
C VAL E 47 -29.54 32.42 -5.87
N ILE E 48 -30.49 32.10 -5.00
CA ILE E 48 -31.17 33.10 -4.17
C ILE E 48 -30.13 33.93 -3.44
N PRO E 49 -30.25 35.27 -3.43
CA PRO E 49 -29.11 36.10 -2.99
C PRO E 49 -28.62 35.82 -1.58
N GLY E 50 -29.47 35.33 -0.69
CA GLY E 50 -29.01 35.01 0.65
C GLY E 50 -28.31 33.68 0.78
N PHE E 51 -28.43 32.82 -0.22
CA PHE E 51 -27.90 31.46 -0.19
C PHE E 51 -26.69 31.34 -1.10
N PRO E 52 -25.82 30.35 -0.88
CA PRO E 52 -25.86 29.27 0.12
C PRO E 52 -25.54 29.74 1.53
N GLN E 53 -26.10 29.04 2.51
CA GLN E 53 -25.97 29.36 3.92
C GLN E 53 -25.47 28.13 4.67
N ILE E 54 -25.47 28.22 5.99
CA ILE E 54 -25.18 27.08 6.86
C ILE E 54 -26.44 26.78 7.65
N VAL E 55 -26.99 25.59 7.45
CA VAL E 55 -28.20 25.19 8.18
C VAL E 55 -27.87 24.77 9.60
N ASN E 56 -27.07 23.72 9.74
CA ASN E 56 -26.69 23.23 11.04
C ASN E 56 -25.18 23.08 11.12
N SER E 57 -24.68 23.05 12.35
CA SER E 57 -23.34 22.61 12.66
C SER E 57 -23.43 21.26 13.35
N ASN E 58 -22.31 20.56 13.46
CA ASN E 58 -22.45 19.25 14.07
C ASN E 58 -22.79 19.38 15.54
N PRO E 59 -21.90 19.88 16.42
CA PRO E 59 -22.31 20.03 17.81
C PRO E 59 -23.02 21.36 18.07
N LEU E 60 -22.91 22.33 17.80
CA LEU E 60 -23.69 23.51 17.44
C LEU E 60 -22.69 24.64 17.36
N THR E 61 -22.77 25.53 16.37
CA THR E 61 -21.69 26.51 16.26
C THR E 61 -22.12 27.70 15.43
N GLU E 62 -21.54 28.84 15.76
CA GLU E 62 -21.52 30.04 14.92
C GLU E 62 -20.07 30.34 14.56
N ALA E 63 -19.87 31.45 13.86
CA ALA E 63 -18.53 31.86 13.41
C ALA E 63 -18.03 30.95 12.29
N PHE E 64 -18.89 30.64 11.33
CA PHE E 64 -18.47 29.98 10.10
C PHE E 64 -18.91 30.60 8.79
N ARG E 65 -19.35 31.85 8.83
CA ARG E 65 -20.15 32.48 7.78
C ARG E 65 -19.65 32.19 6.37
N VAL E 66 -20.58 31.89 5.47
CA VAL E 66 -20.24 31.58 4.09
C VAL E 66 -20.33 32.85 3.26
N ASN E 67 -19.17 33.43 2.94
CA ASN E 67 -19.10 34.66 2.18
C ASN E 67 -19.24 34.39 0.69
N TRP E 68 -19.16 35.46 -0.09
CA TRP E 68 -19.24 35.37 -1.54
C TRP E 68 -17.96 35.94 -2.16
N LEU E 69 -17.17 35.07 -2.76
CA LEU E 69 -16.09 35.50 -3.61
C LEU E 69 -16.63 35.83 -5.01
N SER E 70 -15.79 36.47 -5.82
CA SER E 70 -16.24 37.03 -7.09
C SER E 70 -16.68 35.93 -8.05
N GLY E 71 -17.94 35.98 -8.47
CA GLY E 71 -18.48 35.01 -9.41
C GLY E 71 -19.44 34.05 -8.71
N THR E 72 -19.41 32.81 -9.17
CA THR E 72 -20.18 31.73 -8.55
C THR E 72 -19.36 30.95 -7.53
N TYR E 73 -18.22 31.50 -7.11
CA TYR E 73 -17.39 30.90 -6.07
C TYR E 73 -17.79 31.45 -4.72
N PHE E 74 -17.98 30.55 -3.75
CA PHE E 74 -18.24 30.94 -2.37
C PHE E 74 -17.09 30.47 -1.50
N GLU E 75 -17.15 30.79 -0.22
CA GLU E 75 -16.06 30.50 0.69
C GLU E 75 -16.59 30.43 2.10
N VAL E 76 -16.03 29.51 2.89
CA VAL E 76 -16.38 29.36 4.30
C VAL E 76 -15.36 30.17 5.09
N VAL E 77 -15.86 31.10 5.90
CA VAL E 77 -15.03 32.05 6.63
C VAL E 77 -15.49 32.11 8.07
N THR E 78 -14.57 32.00 9.00
CA THR E 78 -14.90 32.15 10.41
C THR E 78 -15.10 33.62 10.72
N THR E 79 -16.28 33.98 11.21
CA THR E 79 -16.57 35.37 11.52
C THR E 79 -16.07 35.77 12.90
N GLY E 80 -15.66 34.83 13.73
CA GLY E 80 -14.98 35.16 14.95
C GLY E 80 -15.86 35.52 16.13
N MET E 81 -17.18 35.39 15.99
CA MET E 81 -18.06 35.64 17.12
C MET E 81 -17.89 34.60 18.22
N GLU E 82 -17.38 33.42 17.88
CA GLU E 82 -17.07 32.37 18.84
C GLU E 82 -15.61 31.99 18.67
N GLN E 83 -14.91 31.79 19.78
CA GLN E 83 -13.47 31.57 19.73
C GLN E 83 -13.14 30.08 19.69
N LEU E 84 -12.08 29.75 18.95
CA LEU E 84 -11.61 28.37 18.82
C LEU E 84 -10.42 28.17 19.75
N ASP E 85 -10.51 27.17 20.62
CA ASP E 85 -9.58 27.03 21.72
C ASP E 85 -9.69 25.53 21.41
N PHE E 86 -8.64 24.95 20.83
CA PHE E 86 -8.44 23.51 20.71
C PHE E 86 -8.07 22.79 22.00
N GLU E 87 -7.27 23.42 22.86
CA GLU E 87 -6.96 22.80 24.14
C GLU E 87 -8.21 22.60 25.01
N THR E 88 -9.31 23.23 24.65
CA THR E 88 -10.64 22.90 25.15
C THR E 88 -11.55 22.61 23.96
N GLY E 89 -12.73 22.06 24.21
CA GLY E 89 -13.58 21.59 23.16
C GLY E 89 -14.60 22.62 22.71
N PRO E 90 -15.28 22.37 21.58
CA PRO E 90 -15.05 21.24 20.66
C PRO E 90 -13.97 21.51 19.64
N ASN E 91 -13.47 20.45 19.00
CA ASN E 91 -12.36 20.54 18.07
C ASN E 91 -12.74 20.28 16.62
N ILE E 92 -13.85 19.61 16.36
CA ILE E 92 -14.26 19.29 15.00
C ILE E 92 -15.71 19.69 14.83
N PHE E 93 -16.01 20.30 13.69
CA PHE E 93 -17.36 20.74 13.36
C PHE E 93 -17.71 20.21 11.98
N ASP E 94 -18.98 19.88 11.80
CA ASP E 94 -19.48 19.37 10.52
C ASP E 94 -20.65 20.25 10.11
N LEU E 95 -20.36 21.30 9.36
CA LEU E 95 -21.36 22.22 8.87
C LEU E 95 -22.00 21.68 7.60
N GLN E 96 -23.29 21.95 7.41
CA GLN E 96 -23.99 21.55 6.20
C GLN E 96 -24.45 22.80 5.47
N ILE E 97 -24.19 22.84 4.17
CA ILE E 97 -24.41 24.02 3.34
C ILE E 97 -25.56 23.75 2.38
N TYR E 98 -26.39 24.78 2.17
CA TYR E 98 -27.77 24.61 1.69
C TYR E 98 -27.47 25.77 0.74
N VAL E 99 -27.21 25.46 -0.54
CA VAL E 99 -27.46 26.25 -1.74
C VAL E 99 -28.87 25.98 -2.25
N LYS E 100 -29.48 27.01 -2.86
CA LYS E 100 -30.89 26.95 -3.23
C LYS E 100 -31.06 28.04 -4.28
N ASP E 101 -31.63 27.67 -5.42
CA ASP E 101 -31.71 28.58 -6.56
C ASP E 101 -33.12 29.13 -6.75
N GLU E 102 -33.32 29.85 -7.86
CA GLU E 102 -34.55 30.61 -8.06
C GLU E 102 -35.75 29.68 -8.24
N VAL E 103 -35.71 28.82 -9.25
CA VAL E 103 -36.78 27.86 -9.45
C VAL E 103 -37.01 27.03 -8.20
N GLY E 104 -35.93 26.70 -7.50
CA GLY E 104 -35.97 26.05 -6.22
C GLY E 104 -35.69 24.57 -6.32
N VAL E 105 -34.42 24.20 -6.13
CA VAL E 105 -34.00 22.82 -6.01
C VAL E 105 -32.82 22.79 -5.05
N THR E 106 -33.08 22.40 -3.81
CA THR E 106 -32.06 22.50 -2.77
C THR E 106 -30.99 21.43 -2.96
N ASP E 107 -29.87 21.63 -2.26
CA ASP E 107 -28.77 20.67 -2.26
C ASP E 107 -28.13 20.95 -0.91
N LEU E 108 -28.02 19.92 -0.09
CA LEU E 108 -27.29 19.97 1.18
C LEU E 108 -26.00 19.18 1.02
N GLN E 109 -24.89 19.78 1.49
CA GLN E 109 -23.60 19.10 1.49
C GLN E 109 -22.85 19.50 2.76
N VAL E 110 -22.00 18.62 3.23
CA VAL E 110 -21.42 18.72 4.57
C VAL E 110 -19.95 19.08 4.47
N LEU E 111 -19.54 20.10 5.20
CA LEU E 111 -18.15 20.53 5.30
C LEU E 111 -17.66 20.26 6.71
N THR E 112 -16.62 19.43 6.83
CA THR E 112 -16.07 19.08 8.12
C THR E 112 -14.93 20.04 8.45
N VAL E 113 -14.99 20.67 9.62
CA VAL E 113 -14.00 21.66 10.03
C VAL E 113 -13.19 21.11 11.20
N GLN E 114 -11.89 21.00 11.01
CA GLN E 114 -10.98 20.61 12.08
C GLN E 114 -10.17 21.82 12.53
N VAL E 115 -9.88 21.86 13.82
CA VAL E 115 -9.15 22.97 14.42
C VAL E 115 -7.74 22.48 14.75
N THR E 116 -6.75 23.10 14.11
CA THR E 116 -5.37 22.71 14.33
C THR E 116 -4.93 23.08 15.74
N ASP E 117 -3.83 22.50 16.18
CA ASP E 117 -3.32 22.69 17.53
C ASP E 117 -2.13 23.63 17.49
N VAL E 118 -2.39 24.92 17.63
CA VAL E 118 -1.33 25.92 17.59
C VAL E 118 -0.57 25.87 18.91
N ASN E 119 0.72 25.58 18.83
CA ASN E 119 1.56 25.43 20.02
C ASN E 119 1.88 26.78 20.64
#